data_2P4V
#
_entry.id   2P4V
#
_cell.length_a   148.320
_cell.length_b   148.320
_cell.length_c   116.770
_cell.angle_alpha   90.00
_cell.angle_beta   90.00
_cell.angle_gamma   90.00
#
_symmetry.space_group_name_H-M   'P 43'
#
loop_
_entity.id
_entity.type
_entity.pdbx_description
1 polymer 'Transcription elongation factor greB'
2 water water
#
_entity_poly.entity_id   1
_entity_poly.type   'polypeptide(L)'
_entity_poly.pdbx_seq_one_letter_code
;MKTPLVTREGYEKLKQELNYLWREERPEVTKKVTWAASLGDRSENADYQYNKKRLREIDRRVRYLTKCMENLKIVDYSPQ
QEGKVFFGAWVEIENDDGVTHRFRIVGYDEIFGRKDYISIDSPMARALLKKEVGDLAVVNTPAGEASWYVNAIEYVKP
;
_entity_poly.pdbx_strand_id   A,B,C,D,E,F
#
# COMPACT_ATOMS: atom_id res chain seq x y z
N MET A 1 15.79 11.07 -46.75
CA MET A 1 15.55 11.77 -45.45
C MET A 1 14.05 11.74 -45.07
N LYS A 2 13.22 11.20 -45.96
CA LYS A 2 11.77 11.08 -45.71
C LYS A 2 11.40 9.60 -45.78
N THR A 3 10.98 9.00 -44.66
CA THR A 3 10.67 7.57 -44.69
C THR A 3 9.18 7.26 -44.46
N PRO A 4 8.58 6.48 -45.39
CA PRO A 4 7.20 6.01 -45.47
C PRO A 4 6.78 5.01 -44.39
N LEU A 5 7.67 4.15 -43.90
CA LEU A 5 7.25 3.17 -42.91
C LEU A 5 6.59 3.82 -41.70
N VAL A 6 5.48 3.24 -41.28
CA VAL A 6 4.72 3.72 -40.15
C VAL A 6 4.03 2.55 -39.48
N THR A 7 4.09 2.58 -38.21
CA THR A 7 3.45 1.57 -37.43
C THR A 7 1.96 1.52 -37.69
N ARG A 8 1.35 0.38 -37.36
CA ARG A 8 -0.10 0.22 -37.48
C ARG A 8 -0.79 1.20 -36.51
N GLU A 9 -0.24 1.25 -35.29
CA GLU A 9 -0.76 2.14 -34.28
C GLU A 9 -0.74 3.57 -34.79
N GLY A 10 0.44 4.00 -35.23
CA GLY A 10 0.60 5.35 -35.73
C GLY A 10 -0.34 5.68 -36.86
N TYR A 11 -0.74 4.66 -37.59
CA TYR A 11 -1.64 4.90 -38.69
C TYR A 11 -3.00 5.35 -38.17
N GLU A 12 -3.52 4.59 -37.22
CA GLU A 12 -4.80 4.89 -36.61
C GLU A 12 -4.91 6.36 -36.23
N LYS A 13 -3.82 6.90 -35.69
CA LYS A 13 -3.77 8.29 -35.27
C LYS A 13 -3.94 9.24 -36.44
N LEU A 14 -3.07 9.11 -37.44
CA LEU A 14 -3.14 9.96 -38.60
C LEU A 14 -4.56 10.01 -39.13
N LYS A 15 -5.22 8.86 -39.14
CA LYS A 15 -6.60 8.83 -39.59
C LYS A 15 -7.45 9.64 -38.62
N GLN A 16 -7.25 9.36 -37.34
CA GLN A 16 -7.98 10.03 -36.28
C GLN A 16 -7.84 11.55 -36.40
N GLU A 17 -6.64 12.05 -36.67
CA GLU A 17 -6.43 13.49 -36.78
C GLU A 17 -7.26 14.09 -37.89
N LEU A 18 -7.07 13.59 -39.11
CA LEU A 18 -7.82 14.09 -40.24
C LEU A 18 -9.31 14.08 -39.93
N ASN A 19 -9.71 13.15 -39.07
CA ASN A 19 -11.09 13.05 -38.64
C ASN A 19 -11.43 14.19 -37.70
N TYR A 20 -10.65 14.35 -36.65
CA TYR A 20 -10.86 15.42 -35.69
C TYR A 20 -10.70 16.78 -36.35
N LEU A 21 -9.86 16.86 -37.35
CA LEU A 21 -9.59 18.15 -38.00
C LEU A 21 -10.71 18.64 -38.91
N TRP A 22 -11.20 17.74 -39.76
CA TRP A 22 -12.23 18.04 -40.75
C TRP A 22 -13.66 17.96 -40.18
N ARG A 23 -13.85 17.15 -39.15
CA ARG A 23 -15.18 17.03 -38.62
C ARG A 23 -15.35 17.74 -37.28
N GLU A 24 -14.27 17.96 -36.54
CA GLU A 24 -14.47 18.61 -35.25
C GLU A 24 -13.81 19.98 -35.06
N GLU A 25 -12.60 20.25 -35.55
CA GLU A 25 -12.06 21.58 -35.30
C GLU A 25 -12.29 22.55 -36.44
N ARG A 26 -12.35 22.10 -37.69
CA ARG A 26 -12.63 23.07 -38.75
C ARG A 26 -13.93 23.82 -38.41
N PRO A 27 -14.94 23.09 -37.89
CA PRO A 27 -16.18 23.78 -37.53
C PRO A 27 -15.93 24.87 -36.50
N GLU A 28 -15.14 24.54 -35.47
CA GLU A 28 -14.84 25.50 -34.43
C GLU A 28 -14.13 26.74 -35.00
N VAL A 29 -13.03 26.54 -35.71
CA VAL A 29 -12.27 27.67 -36.22
C VAL A 29 -13.06 28.55 -37.17
N THR A 30 -13.69 27.96 -38.18
CA THR A 30 -14.42 28.78 -39.14
C THR A 30 -15.47 29.61 -38.44
N LYS A 31 -16.07 29.04 -37.41
CA LYS A 31 -17.09 29.75 -36.67
C LYS A 31 -16.58 31.02 -36.01
N LYS A 32 -15.36 31.00 -35.47
CA LYS A 32 -14.85 32.20 -34.82
C LYS A 32 -14.53 33.28 -35.85
N VAL A 33 -13.76 32.93 -36.88
CA VAL A 33 -13.39 33.89 -37.93
C VAL A 33 -14.64 34.63 -38.43
N THR A 34 -15.77 33.94 -38.35
CA THR A 34 -17.03 34.51 -38.75
C THR A 34 -17.34 35.71 -37.88
N TRP A 35 -17.53 35.45 -36.59
CA TRP A 35 -17.87 36.51 -35.66
C TRP A 35 -16.84 37.62 -35.70
N ALA A 36 -15.58 37.25 -35.84
CA ALA A 36 -14.51 38.21 -35.87
C ALA A 36 -14.78 39.30 -36.88
N ALA A 37 -15.22 38.90 -38.06
CA ALA A 37 -15.50 39.87 -39.10
C ALA A 37 -16.71 40.72 -38.73
N SER A 38 -17.77 40.05 -38.28
CA SER A 38 -18.98 40.74 -37.88
C SER A 38 -18.67 41.79 -36.82
N LEU A 39 -17.75 41.42 -35.92
CA LEU A 39 -17.38 42.26 -34.81
C LEU A 39 -16.58 43.52 -35.15
N GLY A 40 -15.72 43.54 -36.16
CA GLY A 40 -15.02 44.80 -36.39
C GLY A 40 -13.82 44.73 -37.31
N ASP A 41 -12.96 45.73 -37.14
CA ASP A 41 -11.75 45.95 -37.94
C ASP A 41 -10.78 44.78 -37.97
N ARG A 42 -10.25 44.58 -39.16
CA ARG A 42 -9.34 43.51 -39.54
C ARG A 42 -7.97 43.47 -38.82
N SER A 43 -7.22 44.56 -38.84
CA SER A 43 -5.89 44.55 -38.22
C SER A 43 -5.87 44.58 -36.69
N GLU A 44 -6.55 45.56 -36.08
CA GLU A 44 -6.54 45.69 -34.63
C GLU A 44 -7.05 44.42 -33.94
N ASN A 45 -7.92 43.68 -34.60
CA ASN A 45 -8.48 42.46 -34.02
C ASN A 45 -7.50 41.30 -34.10
N ALA A 46 -7.04 40.86 -32.94
CA ALA A 46 -6.07 39.77 -32.87
C ALA A 46 -6.71 38.38 -32.99
N ASP A 47 -7.99 38.26 -32.66
CA ASP A 47 -8.62 36.97 -32.73
C ASP A 47 -9.07 36.64 -34.14
N TYR A 48 -9.37 37.66 -34.94
CA TYR A 48 -9.73 37.41 -36.33
C TYR A 48 -8.50 36.89 -37.06
N GLN A 49 -7.36 37.48 -36.72
CA GLN A 49 -6.10 37.10 -37.35
C GLN A 49 -5.56 35.78 -36.80
N TYR A 50 -5.58 35.59 -35.48
CA TYR A 50 -5.08 34.34 -34.92
C TYR A 50 -5.85 33.16 -35.50
N ASN A 51 -7.17 33.28 -35.51
CA ASN A 51 -7.99 32.20 -36.00
C ASN A 51 -7.86 31.98 -37.49
N LYS A 52 -7.51 33.03 -38.23
CA LYS A 52 -7.32 32.81 -39.64
C LYS A 52 -6.09 31.93 -39.84
N LYS A 53 -5.06 32.17 -39.04
CA LYS A 53 -3.85 31.38 -39.16
C LYS A 53 -4.08 29.93 -38.78
N ARG A 54 -4.63 29.69 -37.59
CA ARG A 54 -4.86 28.31 -37.18
C ARG A 54 -5.68 27.56 -38.22
N LEU A 55 -6.49 28.30 -38.98
CA LEU A 55 -7.28 27.66 -40.03
C LEU A 55 -6.41 27.43 -41.26
N ARG A 56 -5.46 28.33 -41.51
CA ARG A 56 -4.56 28.11 -42.62
C ARG A 56 -3.64 26.93 -42.28
N GLU A 57 -3.19 26.90 -41.03
CA GLU A 57 -2.34 25.83 -40.55
C GLU A 57 -3.12 24.53 -40.54
N ILE A 58 -4.38 24.60 -40.10
CA ILE A 58 -5.21 23.41 -40.00
C ILE A 58 -5.45 22.76 -41.35
N ASP A 59 -5.91 23.52 -42.33
CA ASP A 59 -6.16 22.94 -43.63
C ASP A 59 -4.83 22.49 -44.26
N ARG A 60 -3.73 23.04 -43.76
CA ARG A 60 -2.44 22.65 -44.31
C ARG A 60 -2.13 21.22 -43.93
N ARG A 61 -2.19 20.93 -42.63
CA ARG A 61 -1.92 19.58 -42.22
C ARG A 61 -2.96 18.65 -42.80
N VAL A 62 -4.16 19.16 -43.01
CA VAL A 62 -5.20 18.34 -43.58
C VAL A 62 -4.71 17.82 -44.93
N ARG A 63 -4.02 18.70 -45.64
CA ARG A 63 -3.48 18.38 -46.95
C ARG A 63 -2.39 17.31 -46.84
N TYR A 64 -1.39 17.58 -45.99
CA TYR A 64 -0.26 16.67 -45.78
C TYR A 64 -0.74 15.29 -45.32
N LEU A 65 -1.51 15.26 -44.26
CA LEU A 65 -2.00 14.01 -43.75
C LEU A 65 -2.63 13.17 -44.83
N THR A 66 -3.57 13.77 -45.55
CA THR A 66 -4.27 13.10 -46.62
C THR A 66 -3.32 12.36 -47.55
N LYS A 67 -2.26 13.02 -48.00
CA LYS A 67 -1.34 12.37 -48.93
C LYS A 67 -0.49 11.32 -48.26
N CYS A 68 -0.06 11.58 -47.03
CA CYS A 68 0.77 10.61 -46.35
C CYS A 68 -0.01 9.35 -46.03
N MET A 69 -1.32 9.45 -45.94
CA MET A 69 -2.14 8.27 -45.68
C MET A 69 -2.00 7.27 -46.83
N GLU A 70 -2.02 7.79 -48.05
CA GLU A 70 -1.93 6.97 -49.26
C GLU A 70 -0.53 6.47 -49.55
N ASN A 71 0.49 7.28 -49.27
CA ASN A 71 1.87 6.89 -49.60
C ASN A 71 2.60 6.19 -48.44
N LEU A 72 2.08 6.31 -47.22
CA LEU A 72 2.70 5.69 -46.06
C LEU A 72 2.63 4.21 -46.15
N LYS A 73 3.56 3.61 -45.41
CA LYS A 73 3.61 2.19 -45.41
C LYS A 73 3.56 1.63 -44.01
N ILE A 74 2.70 0.64 -43.80
CA ILE A 74 2.60 0.07 -42.49
C ILE A 74 3.53 -1.15 -42.33
N VAL A 75 4.02 -1.34 -41.11
CA VAL A 75 4.91 -2.47 -40.82
C VAL A 75 4.33 -3.39 -39.74
N ASP A 76 3.40 -4.23 -40.13
CA ASP A 76 2.78 -5.10 -39.17
C ASP A 76 3.70 -6.27 -38.84
N TYR A 77 4.64 -6.09 -37.92
CA TYR A 77 5.48 -7.25 -37.63
C TYR A 77 5.59 -7.55 -36.16
N SER A 78 5.39 -8.84 -35.88
CA SER A 78 5.40 -9.43 -34.54
C SER A 78 6.77 -10.13 -34.22
N PRO A 79 6.90 -10.73 -33.00
CA PRO A 79 8.09 -11.44 -32.48
C PRO A 79 8.76 -12.49 -33.40
N GLN A 80 8.10 -13.18 -34.33
CA GLN A 80 8.81 -14.24 -35.12
C GLN A 80 10.27 -13.88 -35.46
N GLN A 81 10.49 -12.99 -36.41
CA GLN A 81 11.86 -12.58 -36.69
C GLN A 81 12.32 -11.54 -35.68
N GLU A 82 12.93 -12.04 -34.59
CA GLU A 82 13.38 -11.21 -33.49
C GLU A 82 14.90 -11.31 -33.29
N GLY A 83 15.40 -10.68 -32.23
CA GLY A 83 16.82 -10.71 -31.95
C GLY A 83 17.49 -9.47 -32.50
N LYS A 84 17.31 -9.26 -33.80
CA LYS A 84 17.88 -8.11 -34.48
C LYS A 84 16.93 -6.90 -34.33
N VAL A 85 17.54 -5.73 -34.12
CA VAL A 85 16.91 -4.42 -33.83
C VAL A 85 15.93 -3.73 -34.83
N PHE A 86 16.17 -3.76 -36.13
CA PHE A 86 15.38 -3.00 -37.16
C PHE A 86 14.10 -2.17 -36.80
N PHE A 87 12.89 -2.73 -36.66
CA PHE A 87 11.71 -1.81 -36.48
C PHE A 87 10.79 -2.11 -35.31
N GLY A 88 10.08 -1.06 -34.86
CA GLY A 88 9.16 -1.17 -33.74
C GLY A 88 9.77 -1.92 -32.59
N ALA A 89 11.08 -1.71 -32.43
CA ALA A 89 11.85 -2.41 -31.43
C ALA A 89 12.26 -1.53 -30.27
N TRP A 90 11.78 -1.87 -29.07
CA TRP A 90 12.17 -1.12 -27.91
C TRP A 90 13.59 -1.52 -27.53
N VAL A 91 14.48 -0.55 -27.58
CA VAL A 91 15.88 -0.79 -27.29
C VAL A 91 16.32 -0.06 -26.03
N GLU A 92 17.25 -0.68 -25.33
CA GLU A 92 17.86 -0.10 -24.15
C GLU A 92 19.35 0.00 -24.41
N ILE A 93 19.97 1.11 -24.02
CA ILE A 93 21.41 1.27 -24.27
C ILE A 93 22.15 1.83 -23.07
N GLU A 94 23.47 1.60 -23.03
CA GLU A 94 24.31 2.02 -21.89
C GLU A 94 25.43 3.00 -22.22
N ASN A 95 25.79 3.75 -21.19
CA ASN A 95 26.86 4.73 -21.20
C ASN A 95 27.80 4.36 -20.06
N ASP A 96 29.08 4.67 -20.19
CA ASP A 96 30.01 4.30 -19.14
C ASP A 96 29.75 4.94 -17.79
N ASP A 97 29.47 6.24 -17.76
CA ASP A 97 29.21 6.91 -16.49
C ASP A 97 27.83 6.54 -15.96
N GLY A 98 27.09 5.76 -16.76
CA GLY A 98 25.78 5.30 -16.35
C GLY A 98 24.58 5.97 -17.00
N VAL A 99 24.61 6.18 -18.32
CA VAL A 99 23.44 6.77 -18.91
C VAL A 99 22.59 5.69 -19.55
N THR A 100 21.38 5.57 -19.05
CA THR A 100 20.44 4.59 -19.53
C THR A 100 19.17 5.27 -20.04
N HIS A 101 18.83 5.04 -21.31
CA HIS A 101 17.61 5.63 -21.85
C HIS A 101 17.00 4.73 -22.91
N ARG A 102 15.70 4.51 -22.77
CA ARG A 102 14.92 3.64 -23.65
C ARG A 102 14.44 4.38 -24.90
N PHE A 103 13.89 3.63 -25.86
CA PHE A 103 13.30 4.17 -27.08
C PHE A 103 12.93 3.08 -28.07
N ARG A 104 11.81 3.28 -28.75
CA ARG A 104 11.34 2.35 -29.79
C ARG A 104 11.38 3.09 -31.12
N ILE A 105 11.83 2.42 -32.17
CA ILE A 105 11.95 3.11 -33.46
C ILE A 105 10.67 3.06 -34.29
N VAL A 106 10.16 4.26 -34.62
CA VAL A 106 8.97 4.46 -35.45
C VAL A 106 9.16 5.72 -36.32
N GLY A 107 8.33 5.90 -37.35
CA GLY A 107 8.47 7.02 -38.28
C GLY A 107 8.23 8.42 -37.73
N TYR A 108 8.84 9.40 -38.39
CA TYR A 108 8.72 10.82 -38.01
C TYR A 108 7.32 11.33 -38.21
N ASP A 109 6.65 10.94 -39.31
CA ASP A 109 5.30 11.43 -39.56
C ASP A 109 4.54 11.53 -38.26
N GLU A 110 4.32 10.42 -37.59
CA GLU A 110 3.62 10.53 -36.34
C GLU A 110 4.28 9.83 -35.20
N ILE A 111 5.07 10.66 -34.54
CA ILE A 111 5.81 10.35 -33.36
C ILE A 111 5.63 11.52 -32.42
N PHE A 112 5.36 11.18 -31.19
CA PHE A 112 5.18 12.16 -30.13
C PHE A 112 5.72 11.47 -28.90
N GLY A 113 5.88 12.17 -27.79
CA GLY A 113 6.37 11.48 -26.61
C GLY A 113 5.39 10.40 -26.11
N ARG A 114 4.36 10.06 -26.89
CA ARG A 114 3.35 9.09 -26.47
C ARG A 114 3.71 7.62 -26.70
N LYS A 115 3.85 7.19 -27.95
CA LYS A 115 4.14 5.78 -28.17
C LYS A 115 5.62 5.47 -28.16
N ASP A 116 6.36 6.13 -29.03
CA ASP A 116 7.80 5.92 -29.17
C ASP A 116 8.40 7.21 -29.69
N TYR A 117 9.46 7.75 -29.09
CA TYR A 117 9.90 9.03 -29.63
C TYR A 117 11.21 9.05 -30.40
N ILE A 118 11.43 8.04 -31.24
CA ILE A 118 12.61 8.05 -32.10
C ILE A 118 12.23 7.73 -33.54
N SER A 119 12.67 8.57 -34.46
CA SER A 119 12.38 8.36 -35.88
C SER A 119 13.47 7.50 -36.52
N ILE A 120 13.11 6.69 -37.51
CA ILE A 120 14.09 5.84 -38.16
C ILE A 120 15.13 6.62 -38.95
N ASP A 121 14.73 7.71 -39.58
CA ASP A 121 15.72 8.49 -40.32
C ASP A 121 16.58 9.29 -39.36
N SER A 122 16.83 8.72 -38.18
CA SER A 122 17.63 9.40 -37.16
C SER A 122 18.96 8.69 -36.91
N PRO A 123 20.00 9.46 -36.56
CA PRO A 123 21.33 8.93 -36.29
C PRO A 123 21.29 7.68 -35.40
N MET A 124 20.78 7.82 -34.19
CA MET A 124 20.72 6.67 -33.29
C MET A 124 20.00 5.49 -33.95
N ALA A 125 18.93 5.77 -34.67
CA ALA A 125 18.20 4.72 -35.34
C ALA A 125 19.06 4.07 -36.42
N ARG A 126 19.98 4.86 -36.97
CA ARG A 126 20.86 4.37 -38.01
C ARG A 126 21.92 3.44 -37.45
N ALA A 127 22.67 3.91 -36.47
CA ALA A 127 23.71 3.11 -35.85
C ALA A 127 23.12 1.84 -35.26
N LEU A 128 22.14 2.03 -34.38
CA LEU A 128 21.46 0.95 -33.68
C LEU A 128 20.62 0.08 -34.62
N LEU A 129 20.41 0.54 -35.85
CA LEU A 129 19.55 -0.15 -36.81
C LEU A 129 19.62 -1.67 -36.70
N LYS A 130 20.69 -2.27 -37.18
CA LYS A 130 20.78 -3.73 -37.14
C LYS A 130 21.99 -4.22 -36.38
N LYS A 131 21.87 -4.32 -35.07
CA LYS A 131 22.99 -4.78 -34.26
C LYS A 131 22.53 -5.71 -33.16
N GLU A 132 23.30 -6.79 -33.01
CA GLU A 132 23.00 -7.83 -32.04
C GLU A 132 22.79 -7.32 -30.61
N VAL A 133 22.36 -8.24 -29.77
CA VAL A 133 22.03 -8.04 -28.36
C VAL A 133 23.16 -7.38 -27.54
N GLY A 134 24.35 -7.25 -28.10
CA GLY A 134 25.41 -6.63 -27.32
C GLY A 134 26.53 -6.02 -28.15
N ASP A 135 26.19 -5.17 -29.12
CA ASP A 135 27.22 -4.56 -29.93
C ASP A 135 27.59 -3.15 -29.44
N LEU A 136 28.70 -2.65 -29.96
CA LEU A 136 29.22 -1.33 -29.60
C LEU A 136 28.93 -0.35 -30.73
N ALA A 137 27.83 0.40 -30.57
CA ALA A 137 27.37 1.36 -31.59
C ALA A 137 27.94 2.78 -31.42
N VAL A 138 28.17 3.42 -32.57
CA VAL A 138 28.75 4.75 -32.63
C VAL A 138 27.81 5.77 -33.23
N VAL A 139 27.95 7.03 -32.82
CA VAL A 139 27.12 8.09 -33.36
C VAL A 139 27.92 9.39 -33.43
N ASN A 140 27.83 10.08 -34.56
CA ASN A 140 28.55 11.33 -34.75
C ASN A 140 27.62 12.44 -35.18
N THR A 141 28.00 13.66 -34.81
CA THR A 141 27.27 14.90 -35.07
C THR A 141 28.22 16.05 -34.83
N PRO A 142 27.87 17.28 -35.25
CA PRO A 142 28.73 18.46 -35.05
C PRO A 142 29.71 18.30 -33.87
N ALA A 143 29.25 18.61 -32.66
CA ALA A 143 30.10 18.46 -31.49
C ALA A 143 29.91 17.07 -30.91
N GLY A 144 28.94 16.38 -31.50
CA GLY A 144 28.58 15.06 -31.00
C GLY A 144 29.42 13.88 -31.46
N GLU A 145 30.25 13.40 -30.53
CA GLU A 145 31.02 12.17 -30.72
C GLU A 145 30.43 11.20 -29.69
N ALA A 146 30.04 9.98 -30.07
CA ALA A 146 29.38 9.17 -29.05
C ALA A 146 29.46 7.66 -29.25
N SER A 147 29.61 6.98 -28.11
CA SER A 147 29.71 5.52 -28.04
C SER A 147 28.60 4.93 -27.17
N TRP A 148 27.90 3.91 -27.68
CA TRP A 148 26.81 3.28 -26.94
C TRP A 148 26.81 1.76 -27.03
N TYR A 149 26.29 1.13 -25.99
CA TYR A 149 26.22 -0.33 -25.93
C TYR A 149 24.79 -0.82 -25.97
N VAL A 150 24.50 -1.69 -26.93
CA VAL A 150 23.18 -2.26 -27.08
C VAL A 150 22.88 -3.20 -25.95
N ASN A 151 21.80 -2.97 -25.22
CA ASN A 151 21.51 -3.87 -24.12
C ASN A 151 20.48 -4.93 -24.47
N ALA A 152 19.19 -4.57 -24.49
CA ALA A 152 18.16 -5.58 -24.77
C ALA A 152 17.10 -5.12 -25.78
N ILE A 153 16.66 -6.06 -26.61
CA ILE A 153 15.67 -5.81 -27.64
C ILE A 153 14.35 -6.49 -27.30
N GLU A 154 13.31 -5.67 -27.11
CA GLU A 154 11.97 -6.18 -26.80
C GLU A 154 10.93 -5.74 -27.84
N TYR A 155 10.34 -6.71 -28.53
CA TYR A 155 9.29 -6.47 -29.53
C TYR A 155 7.93 -6.91 -28.98
N VAL A 156 7.04 -5.98 -28.70
CA VAL A 156 5.72 -6.37 -28.19
C VAL A 156 4.64 -5.37 -28.61
N MET B 1 34.89 54.14 -20.12
CA MET B 1 33.55 53.61 -19.76
C MET B 1 33.65 52.22 -19.11
N LYS B 2 34.87 51.69 -19.05
CA LYS B 2 35.15 50.39 -18.43
C LYS B 2 36.13 50.60 -17.26
N THR B 3 35.69 50.34 -16.02
CA THR B 3 36.59 50.57 -14.90
C THR B 3 36.96 49.31 -14.14
N PRO B 4 38.28 49.08 -13.96
CA PRO B 4 38.98 47.96 -13.30
C PRO B 4 38.81 47.87 -11.79
N LEU B 5 38.69 48.97 -11.07
CA LEU B 5 38.57 48.87 -9.61
C LEU B 5 37.40 47.95 -9.17
N VAL B 6 37.63 47.12 -8.13
CA VAL B 6 36.63 46.12 -7.63
C VAL B 6 36.71 45.73 -6.11
N THR B 7 35.52 45.29 -5.48
CA THR B 7 35.29 44.83 -4.04
C THR B 7 35.78 43.40 -3.79
N ARG B 8 36.19 43.12 -2.55
CA ARG B 8 36.71 41.80 -2.15
C ARG B 8 35.59 40.76 -2.24
N GLU B 9 34.44 41.16 -1.70
CA GLU B 9 33.27 40.32 -1.71
C GLU B 9 32.93 39.91 -3.16
N GLY B 10 32.74 40.91 -4.00
CA GLY B 10 32.42 40.69 -5.40
C GLY B 10 33.41 39.80 -6.11
N TYR B 11 34.65 39.82 -5.64
CA TYR B 11 35.64 38.98 -6.26
C TYR B 11 35.32 37.51 -6.04
N GLU B 12 35.07 37.17 -4.78
CA GLU B 12 34.75 35.81 -4.39
C GLU B 12 33.71 35.20 -5.33
N LYS B 13 32.73 36.02 -5.67
CA LYS B 13 31.64 35.61 -6.54
C LYS B 13 32.14 35.26 -7.93
N LEU B 14 32.79 36.22 -8.58
CA LEU B 14 33.32 35.99 -9.91
C LEU B 14 34.07 34.68 -9.95
N LYS B 15 34.85 34.41 -8.92
CA LYS B 15 35.57 33.16 -8.85
C LYS B 15 34.58 32.03 -8.77
N GLN B 16 33.62 32.19 -7.86
CA GLN B 16 32.59 31.18 -7.63
C GLN B 16 31.84 30.85 -8.95
N GLU B 17 31.48 31.86 -9.74
CA GLU B 17 30.78 31.60 -10.99
C GLU B 17 31.59 30.71 -11.89
N LEU B 18 32.78 31.18 -12.29
CA LEU B 18 33.65 30.40 -13.18
C LEU B 18 33.76 28.97 -12.67
N ASN B 19 33.65 28.82 -11.36
CA ASN B 19 33.71 27.51 -10.73
C ASN B 19 32.44 26.76 -11.06
N TYR B 20 31.31 27.36 -10.74
CA TYR B 20 30.03 26.73 -10.98
C TYR B 20 29.81 26.50 -12.46
N LEU B 21 30.37 27.37 -13.28
CA LEU B 21 30.16 27.27 -14.73
C LEU B 21 30.92 26.14 -15.40
N TRP B 22 32.21 26.03 -15.08
CA TRP B 22 33.09 25.06 -15.70
C TRP B 22 33.03 23.69 -15.02
N ARG B 23 32.69 23.65 -13.75
CA ARG B 23 32.65 22.39 -13.06
C ARG B 23 31.23 21.89 -12.82
N GLU B 24 30.24 22.77 -12.79
CA GLU B 24 28.90 22.29 -12.50
C GLU B 24 27.87 22.43 -13.64
N GLU B 25 27.80 23.55 -14.37
CA GLU B 25 26.77 23.64 -15.41
C GLU B 25 27.23 23.22 -16.79
N ARG B 26 28.50 23.42 -17.13
CA ARG B 26 28.95 22.94 -18.45
C ARG B 26 28.61 21.44 -18.56
N PRO B 27 28.81 20.68 -17.48
CA PRO B 27 28.48 19.25 -17.56
C PRO B 27 27.00 19.04 -17.90
N GLU B 28 26.14 19.79 -17.21
CA GLU B 28 24.71 19.71 -17.43
C GLU B 28 24.34 20.04 -18.88
N VAL B 29 24.74 21.22 -19.35
CA VAL B 29 24.40 21.63 -20.71
C VAL B 29 24.93 20.70 -21.79
N THR B 30 26.22 20.39 -21.80
CA THR B 30 26.75 19.50 -22.83
C THR B 30 25.99 18.18 -22.87
N LYS B 31 25.60 17.69 -21.71
CA LYS B 31 24.88 16.42 -21.61
C LYS B 31 23.55 16.47 -22.36
N LYS B 32 22.80 17.56 -22.27
CA LYS B 32 21.50 17.60 -22.98
C LYS B 32 21.69 17.69 -24.50
N VAL B 33 22.54 18.61 -24.97
CA VAL B 33 22.81 18.75 -26.41
C VAL B 33 23.17 17.41 -27.03
N THR B 34 23.75 16.56 -26.19
CA THR B 34 24.11 15.23 -26.61
C THR B 34 22.85 14.46 -26.99
N TRP B 35 21.98 14.24 -26.00
CA TRP B 35 20.79 13.49 -26.30
C TRP B 35 19.94 14.14 -27.38
N ALA B 36 19.92 15.47 -27.41
CA ALA B 36 19.16 16.19 -28.42
C ALA B 36 19.48 15.68 -29.82
N ALA B 37 20.77 15.49 -30.09
CA ALA B 37 21.18 15.01 -31.39
C ALA B 37 20.75 13.57 -31.60
N SER B 38 21.00 12.75 -30.59
CA SER B 38 20.60 11.34 -30.69
C SER B 38 19.10 11.22 -30.95
N LEU B 39 18.34 12.11 -30.31
CA LEU B 39 16.88 12.09 -30.41
C LEU B 39 16.30 12.48 -31.77
N GLY B 40 16.92 13.38 -32.55
CA GLY B 40 16.27 13.70 -33.81
C GLY B 40 16.75 14.95 -34.55
N ASP B 41 15.86 15.42 -35.43
CA ASP B 41 16.09 16.58 -36.32
C ASP B 41 16.49 17.87 -35.59
N ARG B 42 17.43 18.54 -36.25
CA ARG B 42 18.08 19.76 -35.80
C ARG B 42 17.15 20.97 -35.62
N SER B 43 16.42 21.37 -36.66
CA SER B 43 15.61 22.58 -36.55
C SER B 43 14.32 22.45 -35.72
N GLU B 44 13.50 21.44 -36.00
CA GLU B 44 12.24 21.27 -35.28
C GLU B 44 12.47 21.10 -33.77
N ASN B 45 13.63 20.56 -33.38
CA ASN B 45 13.91 20.37 -31.96
C ASN B 45 14.34 21.68 -31.28
N ALA B 46 13.53 22.14 -30.35
CA ALA B 46 13.79 23.40 -29.65
C ALA B 46 14.77 23.24 -28.51
N ASP B 47 14.87 22.04 -27.96
CA ASP B 47 15.78 21.84 -26.85
C ASP B 47 17.23 21.67 -27.31
N TYR B 48 17.42 21.13 -28.51
CA TYR B 48 18.77 21.00 -29.04
C TYR B 48 19.31 22.38 -29.29
N GLN B 49 18.44 23.26 -29.80
CA GLN B 49 18.80 24.63 -30.11
C GLN B 49 18.94 25.49 -28.86
N TYR B 50 17.96 25.42 -27.96
CA TYR B 50 18.04 26.22 -26.73
C TYR B 50 19.32 25.92 -25.97
N ASN B 51 19.59 24.63 -25.81
CA ASN B 51 20.75 24.22 -25.06
C ASN B 51 22.05 24.57 -25.76
N LYS B 52 22.03 24.63 -27.09
CA LYS B 52 23.23 25.03 -27.79
C LYS B 52 23.56 26.49 -27.47
N LYS B 53 22.51 27.31 -27.40
CA LYS B 53 22.70 28.72 -27.09
C LYS B 53 23.22 28.90 -25.67
N ARG B 54 22.54 28.35 -24.68
CA ARG B 54 22.98 28.50 -23.31
C ARG B 54 24.42 28.07 -23.14
N LEU B 55 24.87 27.13 -23.97
CA LEU B 55 26.25 26.69 -23.89
C LEU B 55 27.16 27.70 -24.60
N ARG B 56 26.65 28.35 -25.64
CA ARG B 56 27.42 29.38 -26.30
C ARG B 56 27.52 30.57 -25.38
N GLU B 57 26.41 30.88 -24.72
CA GLU B 57 26.36 31.98 -23.77
C GLU B 57 27.23 31.67 -22.56
N ILE B 58 27.14 30.41 -22.11
CA ILE B 58 27.91 29.96 -20.96
C ILE B 58 29.42 30.09 -21.17
N ASP B 59 29.93 29.49 -22.24
CA ASP B 59 31.35 29.58 -22.46
C ASP B 59 31.77 31.00 -22.75
N ARG B 60 30.81 31.83 -23.12
CA ARG B 60 31.11 33.23 -23.39
C ARG B 60 31.48 33.94 -22.11
N ARG B 61 30.61 33.87 -21.12
CA ARG B 61 30.91 34.48 -19.84
C ARG B 61 32.14 33.83 -19.23
N VAL B 62 32.34 32.54 -19.49
CA VAL B 62 33.52 31.88 -18.96
C VAL B 62 34.76 32.62 -19.44
N ARG B 63 34.71 33.05 -20.69
CA ARG B 63 35.79 33.79 -21.31
C ARG B 63 35.97 35.17 -20.61
N TYR B 64 34.89 35.95 -20.57
CA TYR B 64 34.91 37.28 -19.95
C TYR B 64 35.37 37.22 -18.49
N LEU B 65 34.71 36.38 -17.69
CA LEU B 65 35.07 36.26 -16.30
C LEU B 65 36.57 36.01 -16.13
N THR B 66 37.07 34.99 -16.81
CA THR B 66 38.50 34.66 -16.71
C THR B 66 39.40 35.88 -16.90
N LYS B 67 39.15 36.71 -17.91
CA LYS B 67 40.00 37.86 -18.12
C LYS B 67 39.79 38.94 -17.06
N CYS B 68 38.54 39.18 -16.66
CA CYS B 68 38.29 40.20 -15.67
C CYS B 68 38.90 39.84 -14.33
N MET B 69 39.11 38.56 -14.10
CA MET B 69 39.71 38.12 -12.86
C MET B 69 41.12 38.67 -12.76
N GLU B 70 41.84 38.61 -13.86
CA GLU B 70 43.22 39.06 -13.90
C GLU B 70 43.38 40.57 -13.94
N ASN B 71 42.46 41.26 -14.61
CA ASN B 71 42.60 42.69 -14.78
C ASN B 71 41.85 43.50 -13.73
N LEU B 72 40.92 42.88 -13.03
CA LEU B 72 40.19 43.60 -12.00
C LEU B 72 41.18 44.06 -10.93
N LYS B 73 41.12 45.37 -10.57
CA LYS B 73 42.00 45.97 -9.55
C LYS B 73 41.24 46.08 -8.23
N ILE B 74 41.84 45.61 -7.13
CA ILE B 74 41.18 45.66 -5.83
C ILE B 74 41.45 46.96 -5.08
N VAL B 75 40.47 47.42 -4.30
CA VAL B 75 40.61 48.66 -3.54
C VAL B 75 40.43 48.40 -2.07
N ASP B 76 41.44 47.84 -1.43
CA ASP B 76 41.33 47.56 -0.02
C ASP B 76 41.49 48.81 0.82
N TYR B 77 40.44 49.60 1.00
CA TYR B 77 40.64 50.77 1.84
C TYR B 77 39.62 50.90 2.95
N SER B 78 40.15 51.16 4.14
CA SER B 78 39.41 51.30 5.38
C SER B 78 39.21 52.80 5.77
N PRO B 79 38.52 53.08 6.90
CA PRO B 79 38.21 54.41 7.45
C PRO B 79 39.33 55.48 7.52
N GLN B 80 40.64 55.17 7.62
CA GLN B 80 41.65 56.27 7.75
C GLN B 80 41.32 57.50 6.90
N GLN B 81 41.51 57.42 5.59
CA GLN B 81 41.16 58.58 4.76
C GLN B 81 39.64 58.57 4.48
N GLU B 82 38.90 59.25 5.36
CA GLU B 82 37.44 59.31 5.28
C GLU B 82 36.96 60.75 5.11
N GLY B 83 35.64 60.92 5.16
CA GLY B 83 35.04 62.24 5.00
C GLY B 83 34.63 62.46 3.55
N LYS B 84 35.58 62.26 2.65
CA LYS B 84 35.30 62.42 1.22
C LYS B 84 34.79 61.08 0.65
N VAL B 85 33.82 61.21 -0.24
CA VAL B 85 33.02 60.14 -0.88
C VAL B 85 33.70 59.03 -1.74
N PHE B 86 34.64 59.34 -2.61
CA PHE B 86 35.26 58.41 -3.60
C PHE B 86 34.84 56.88 -3.67
N PHE B 87 35.37 55.95 -2.87
CA PHE B 87 35.04 54.50 -3.12
C PHE B 87 34.52 53.69 -1.92
N GLY B 88 33.77 52.62 -2.24
CA GLY B 88 33.20 51.74 -1.24
C GLY B 88 32.53 52.53 -0.13
N ALA B 89 31.96 53.66 -0.52
CA ALA B 89 31.35 54.57 0.43
C ALA B 89 29.83 54.56 0.39
N TRP B 90 29.21 54.15 1.47
CA TRP B 90 27.76 54.19 1.51
C TRP B 90 27.31 55.62 1.67
N VAL B 91 26.59 56.10 0.68
CA VAL B 91 26.13 57.48 0.72
C VAL B 91 24.61 57.57 0.82
N GLU B 92 24.15 58.62 1.47
CA GLU B 92 22.74 58.89 1.60
C GLU B 92 22.48 60.25 0.97
N ILE B 93 21.40 60.41 0.22
CA ILE B 93 21.14 61.69 -0.42
C ILE B 93 19.67 62.12 -0.30
N GLU B 94 19.43 63.42 -0.44
CA GLU B 94 18.07 63.97 -0.28
C GLU B 94 17.48 64.68 -1.51
N ASN B 95 16.16 64.70 -1.52
CA ASN B 95 15.33 65.34 -2.51
C ASN B 95 14.38 66.27 -1.76
N ASP B 96 13.97 67.36 -2.40
CA ASP B 96 13.11 68.34 -1.75
C ASP B 96 11.76 67.76 -1.32
N ASP B 97 11.08 67.04 -2.22
CA ASP B 97 9.78 66.45 -1.87
C ASP B 97 9.95 65.26 -0.92
N GLY B 98 11.21 64.90 -0.63
CA GLY B 98 11.46 63.82 0.30
C GLY B 98 11.93 62.50 -0.30
N VAL B 99 12.85 62.53 -1.27
CA VAL B 99 13.32 61.28 -1.81
C VAL B 99 14.64 60.92 -1.16
N THR B 100 14.64 59.81 -0.43
CA THR B 100 15.81 59.31 0.26
C THR B 100 16.20 57.93 -0.24
N HIS B 101 17.40 57.78 -0.75
CA HIS B 101 17.83 56.48 -1.19
C HIS B 101 19.32 56.30 -1.04
N ARG B 102 19.66 55.14 -0.46
CA ARG B 102 21.05 54.76 -0.15
C ARG B 102 21.76 54.10 -1.34
N PHE B 103 23.07 53.91 -1.20
CA PHE B 103 23.90 53.24 -2.22
C PHE B 103 25.38 53.36 -1.93
N ARG B 104 26.11 52.29 -2.19
CA ARG B 104 27.56 52.28 -2.03
C ARG B 104 28.20 52.10 -3.39
N ILE B 105 29.29 52.81 -3.65
CA ILE B 105 29.89 52.76 -4.97
C ILE B 105 30.88 51.63 -5.15
N VAL B 106 30.60 50.74 -6.12
CA VAL B 106 31.45 49.59 -6.47
C VAL B 106 31.41 49.37 -7.99
N GLY B 107 32.34 48.58 -8.53
CA GLY B 107 32.43 48.35 -9.99
C GLY B 107 31.29 47.59 -10.65
N TYR B 108 31.11 47.84 -11.95
CA TYR B 108 30.06 47.22 -12.74
C TYR B 108 30.27 45.73 -12.88
N ASP B 109 31.52 45.32 -13.08
CA ASP B 109 31.76 43.90 -13.28
C ASP B 109 30.93 43.08 -12.35
N GLU B 110 31.09 43.24 -11.05
CA GLU B 110 30.23 42.46 -10.16
C GLU B 110 29.54 43.28 -9.12
N ILE B 111 28.36 43.68 -9.55
CA ILE B 111 27.40 44.43 -8.79
C ILE B 111 26.06 43.78 -9.03
N PHE B 112 25.33 43.60 -7.95
CA PHE B 112 24.01 43.01 -7.97
C PHE B 112 23.29 43.66 -6.83
N GLY B 113 21.98 43.46 -6.71
CA GLY B 113 21.31 44.11 -5.59
C GLY B 113 21.78 43.57 -4.24
N ARG B 114 22.85 42.78 -4.22
CA ARG B 114 23.32 42.18 -2.97
C ARG B 114 24.21 43.08 -2.11
N LYS B 115 25.40 43.45 -2.59
CA LYS B 115 26.30 44.23 -1.76
C LYS B 115 26.08 45.70 -1.90
N ASP B 116 26.18 46.20 -3.12
CA ASP B 116 26.00 47.61 -3.41
C ASP B 116 25.56 47.74 -4.85
N TYR B 117 24.47 48.47 -5.15
CA TYR B 117 24.10 48.47 -6.57
C TYR B 117 24.36 49.73 -7.39
N ILE B 118 25.52 50.35 -7.21
CA ILE B 118 25.89 51.51 -8.02
C ILE B 118 27.30 51.33 -8.56
N SER B 119 27.44 51.51 -9.87
CA SER B 119 28.74 51.38 -10.50
C SER B 119 29.44 52.74 -10.55
N ILE B 120 30.77 52.75 -10.48
CA ILE B 120 31.51 54.01 -10.49
C ILE B 120 31.41 54.74 -11.82
N ASP B 121 31.39 54.02 -12.93
CA ASP B 121 31.28 54.70 -14.22
C ASP B 121 29.85 55.16 -14.45
N SER B 122 29.18 55.53 -13.36
CA SER B 122 27.80 55.96 -13.43
C SER B 122 27.63 57.43 -13.08
N PRO B 123 26.66 58.09 -13.72
CA PRO B 123 26.39 59.51 -13.48
C PRO B 123 26.39 59.87 -12.01
N MET B 124 25.49 59.28 -11.22
CA MET B 124 25.45 59.59 -9.81
C MET B 124 26.79 59.41 -9.14
N ALA B 125 27.49 58.34 -9.52
CA ALA B 125 28.80 58.08 -8.96
C ALA B 125 29.77 59.19 -9.37
N ARG B 126 29.53 59.75 -10.54
CA ARG B 126 30.38 60.80 -11.04
C ARG B 126 30.18 62.09 -10.23
N ALA B 127 28.94 62.58 -10.20
CA ALA B 127 28.62 63.81 -9.48
C ALA B 127 29.00 63.69 -8.01
N LEU B 128 28.49 62.65 -7.38
CA LEU B 128 28.72 62.41 -5.96
C LEU B 128 30.15 61.98 -5.66
N LEU B 129 30.92 61.66 -6.71
CA LEU B 129 32.29 61.17 -6.57
C LEU B 129 33.03 61.78 -5.38
N LYS B 130 33.47 63.03 -5.50
CA LYS B 130 34.23 63.64 -4.40
C LYS B 130 33.56 64.91 -3.89
N LYS B 131 32.61 64.76 -2.98
CA LYS B 131 31.95 65.92 -2.43
C LYS B 131 31.72 65.79 -0.94
N GLU B 132 31.99 66.88 -0.24
CA GLU B 132 31.89 66.96 1.21
C GLU B 132 30.53 66.48 1.75
N VAL B 133 30.50 66.36 3.08
CA VAL B 133 29.36 65.91 3.87
C VAL B 133 28.06 66.66 3.59
N GLY B 134 28.09 67.75 2.83
CA GLY B 134 26.85 68.47 2.58
C GLY B 134 26.85 69.33 1.33
N ASP B 135 27.25 68.76 0.19
CA ASP B 135 27.26 69.54 -1.03
C ASP B 135 26.01 69.34 -1.87
N LEU B 136 25.83 70.24 -2.84
CA LEU B 136 24.68 70.22 -3.74
C LEU B 136 25.12 69.62 -5.09
N ALA B 137 24.86 68.32 -5.27
CA ALA B 137 25.25 67.60 -6.49
C ALA B 137 24.18 67.62 -7.59
N VAL B 138 24.66 67.64 -8.84
CA VAL B 138 23.82 67.71 -10.05
C VAL B 138 23.99 66.49 -10.94
N VAL B 139 22.93 66.13 -11.64
CA VAL B 139 22.99 65.02 -12.57
C VAL B 139 22.10 65.30 -13.77
N ASN B 140 22.62 65.01 -14.95
CA ASN B 140 21.89 65.24 -16.19
C ASN B 140 21.86 63.99 -17.05
N THR B 141 20.80 63.88 -17.83
CA THR B 141 20.50 62.77 -18.72
C THR B 141 19.40 63.22 -19.69
N PRO B 142 19.15 62.48 -20.79
CA PRO B 142 18.11 62.83 -21.76
C PRO B 142 17.03 63.73 -21.17
N ALA B 143 16.01 63.13 -20.55
CA ALA B 143 14.94 63.92 -19.93
C ALA B 143 15.31 64.20 -18.48
N GLY B 144 16.42 63.60 -18.06
CA GLY B 144 16.85 63.73 -16.69
C GLY B 144 17.65 64.94 -16.28
N GLU B 145 16.99 65.83 -15.58
CA GLU B 145 17.61 67.01 -14.98
C GLU B 145 17.49 66.75 -13.47
N ALA B 146 18.57 66.84 -12.70
CA ALA B 146 18.40 66.48 -11.29
C ALA B 146 19.37 67.13 -10.31
N SER B 147 18.82 67.46 -9.14
CA SER B 147 19.55 68.08 -8.03
C SER B 147 19.46 67.22 -6.76
N TRP B 148 20.62 66.97 -6.14
CA TRP B 148 20.67 66.15 -4.93
C TRP B 148 21.59 66.69 -3.87
N TYR B 149 21.25 66.39 -2.63
CA TYR B 149 22.04 66.84 -1.49
C TYR B 149 22.72 65.69 -0.77
N VAL B 150 24.04 65.79 -0.65
CA VAL B 150 24.85 64.78 0.03
C VAL B 150 24.55 64.78 1.51
N ASN B 151 24.14 63.66 2.07
CA ASN B 151 23.84 63.66 3.50
C ASN B 151 24.98 63.09 4.33
N ALA B 152 25.12 61.77 4.41
CA ALA B 152 26.18 61.20 5.24
C ALA B 152 26.99 60.10 4.53
N ILE B 153 28.29 60.08 4.83
CA ILE B 153 29.24 59.12 4.28
C ILE B 153 29.69 58.11 5.31
N GLU B 154 29.37 56.85 5.09
CA GLU B 154 29.78 55.81 6.02
C GLU B 154 30.61 54.73 5.31
N TYR B 155 31.85 54.57 5.76
CA TYR B 155 32.79 53.56 5.22
C TYR B 155 32.97 52.44 6.23
N VAL B 156 32.47 51.25 5.94
CA VAL B 156 32.65 50.16 6.90
C VAL B 156 32.76 48.81 6.18
N MET C 1 -15.97 55.94 -40.43
CA MET C 1 -15.38 54.74 -39.74
C MET C 1 -14.94 55.10 -38.32
N LYS C 2 -15.09 56.37 -37.96
CA LYS C 2 -14.75 56.87 -36.63
C LYS C 2 -16.01 57.46 -36.01
N THR C 3 -16.51 56.84 -34.94
CA THR C 3 -17.76 57.33 -34.33
C THR C 3 -17.59 57.89 -32.91
N PRO C 4 -18.01 59.15 -32.71
CA PRO C 4 -17.98 59.98 -31.49
C PRO C 4 -18.90 59.49 -30.32
N LEU C 5 -20.04 58.88 -30.60
CA LEU C 5 -20.91 58.46 -29.49
C LEU C 5 -20.18 57.56 -28.49
N VAL C 6 -20.42 57.82 -27.21
CA VAL C 6 -19.79 57.10 -26.12
C VAL C 6 -20.69 57.13 -24.89
N THR C 7 -20.72 56.07 -24.15
CA THR C 7 -21.57 56.03 -22.97
C THR C 7 -21.16 57.09 -21.90
N ARG C 8 -22.11 57.46 -21.05
CA ARG C 8 -21.81 58.38 -19.96
C ARG C 8 -20.81 57.78 -19.02
N GLU C 9 -21.06 56.51 -18.70
CA GLU C 9 -20.20 55.77 -17.81
C GLU C 9 -18.77 55.79 -18.35
N GLY C 10 -18.63 55.33 -19.58
CA GLY C 10 -17.33 55.28 -20.22
C GLY C 10 -16.64 56.63 -20.24
N TYR C 11 -17.40 57.69 -20.25
CA TYR C 11 -16.78 59.00 -20.26
C TYR C 11 -16.01 59.22 -18.96
N GLU C 12 -16.70 58.96 -17.85
CA GLU C 12 -16.12 59.14 -16.53
C GLU C 12 -14.75 58.52 -16.47
N LYS C 13 -14.62 57.35 -17.08
CA LYS C 13 -13.37 56.64 -17.06
C LYS C 13 -12.28 57.37 -17.78
N LEU C 14 -12.53 57.71 -19.02
CA LEU C 14 -11.54 58.41 -19.82
C LEU C 14 -11.05 59.62 -19.08
N LYS C 15 -11.95 60.29 -18.38
CA LYS C 15 -11.54 61.44 -17.59
C LYS C 15 -10.62 60.96 -16.46
N GLN C 16 -11.08 59.91 -15.78
CA GLN C 16 -10.37 59.30 -14.68
C GLN C 16 -8.94 58.92 -15.08
N GLU C 17 -8.80 58.32 -16.25
CA GLU C 17 -7.47 57.92 -16.71
C GLU C 17 -6.54 59.11 -16.81
N LEU C 18 -6.92 60.05 -17.67
CA LEU C 18 -6.07 61.23 -17.85
C LEU C 18 -5.69 61.83 -16.50
N ASN C 19 -6.58 61.66 -15.53
CA ASN C 19 -6.37 62.13 -14.18
C ASN C 19 -5.29 61.28 -13.54
N TYR C 20 -5.50 59.98 -13.53
CA TYR C 20 -4.55 59.08 -12.93
C TYR C 20 -3.19 59.14 -13.67
N LEU C 21 -3.22 59.42 -14.95
CA LEU C 21 -2.01 59.42 -15.72
C LEU C 21 -1.12 60.64 -15.51
N TRP C 22 -1.73 61.82 -15.51
CA TRP C 22 -1.02 63.08 -15.37
C TRP C 22 -0.75 63.48 -13.92
N ARG C 23 -1.57 62.99 -13.01
CA ARG C 23 -1.38 63.36 -11.63
C ARG C 23 -0.80 62.23 -10.77
N GLU C 24 -0.97 60.98 -11.19
CA GLU C 24 -0.46 59.91 -10.35
C GLU C 24 0.63 59.01 -10.94
N GLU C 25 0.60 58.67 -12.23
CA GLU C 25 1.65 57.79 -12.74
C GLU C 25 2.78 58.55 -13.40
N ARG C 26 2.51 59.69 -14.02
CA ARG C 26 3.64 60.45 -14.61
C ARG C 26 4.68 60.69 -13.52
N PRO C 27 4.22 61.06 -12.30
CA PRO C 27 5.19 61.28 -11.21
C PRO C 27 6.03 60.03 -10.95
N GLU C 28 5.37 58.88 -10.88
CA GLU C 28 6.06 57.62 -10.63
C GLU C 28 7.11 57.35 -11.71
N VAL C 29 6.70 57.33 -12.97
CA VAL C 29 7.61 57.00 -14.07
C VAL C 29 8.80 57.96 -14.19
N THR C 30 8.54 59.27 -14.26
CA THR C 30 9.64 60.20 -14.39
C THR C 30 10.65 60.02 -13.28
N LYS C 31 10.16 59.72 -12.09
CA LYS C 31 11.03 59.53 -10.93
C LYS C 31 12.01 58.37 -11.12
N LYS C 32 11.58 57.26 -11.73
CA LYS C 32 12.49 56.16 -11.89
C LYS C 32 13.56 56.49 -12.92
N VAL C 33 13.12 56.96 -14.09
CA VAL C 33 14.04 57.33 -15.18
C VAL C 33 15.14 58.23 -14.65
N THR C 34 14.80 58.97 -13.61
CA THR C 34 15.74 59.86 -13.00
C THR C 34 16.87 59.05 -12.39
N TRP C 35 16.54 58.21 -11.42
CA TRP C 35 17.58 57.43 -10.76
C TRP C 35 18.32 56.53 -11.75
N ALA C 36 17.62 56.04 -12.76
CA ALA C 36 18.24 55.19 -13.74
C ALA C 36 19.49 55.83 -14.34
N ALA C 37 19.38 57.11 -14.65
CA ALA C 37 20.51 57.80 -15.21
C ALA C 37 21.59 57.98 -14.19
N SER C 38 21.21 58.43 -13.00
CA SER C 38 22.18 58.61 -11.94
C SER C 38 22.94 57.30 -11.70
N LEU C 39 22.21 56.20 -11.76
CA LEU C 39 22.77 54.89 -11.49
C LEU C 39 23.77 54.37 -12.51
N GLY C 40 23.67 54.69 -13.79
CA GLY C 40 24.69 54.12 -14.69
C GLY C 40 24.41 54.16 -16.17
N ASP C 41 25.10 53.28 -16.89
CA ASP C 41 25.04 53.16 -18.35
C ASP C 41 23.65 52.94 -18.93
N ARG C 42 23.45 53.61 -20.06
CA ARG C 42 22.23 53.70 -20.82
C ARG C 42 21.73 52.37 -21.40
N SER C 43 22.54 51.68 -22.20
CA SER C 43 22.09 50.44 -22.85
C SER C 43 21.93 49.22 -21.92
N GLU C 44 22.97 48.87 -21.18
CA GLU C 44 22.93 47.70 -20.30
C GLU C 44 21.78 47.78 -19.27
N ASN C 45 21.40 49.01 -18.89
CA ASN C 45 20.34 49.20 -17.90
C ASN C 45 18.97 49.01 -18.56
N ALA C 46 18.26 47.97 -18.13
CA ALA C 46 16.93 47.64 -18.66
C ALA C 46 15.82 48.47 -18.03
N ASP C 47 16.03 48.96 -16.81
CA ASP C 47 15.01 49.74 -16.16
C ASP C 47 14.99 51.18 -16.65
N TYR C 48 16.14 51.70 -17.06
CA TYR C 48 16.18 53.07 -17.62
C TYR C 48 15.40 53.07 -18.93
N GLN C 49 15.60 52.01 -19.70
CA GLN C 49 14.95 51.85 -20.99
C GLN C 49 13.48 51.51 -20.86
N TYR C 50 13.15 50.53 -20.00
CA TYR C 50 11.77 50.15 -19.86
C TYR C 50 10.93 51.34 -19.43
N ASN C 51 11.43 52.06 -18.43
CA ASN C 51 10.68 53.18 -17.91
C ASN C 51 10.60 54.32 -18.92
N LYS C 52 11.58 54.43 -19.80
CA LYS C 52 11.50 55.49 -20.80
C LYS C 52 10.33 55.18 -21.73
N LYS C 53 10.18 53.90 -22.06
CA LYS C 53 9.10 53.51 -22.95
C LYS C 53 7.75 53.77 -22.32
N ARG C 54 7.54 53.22 -21.12
CA ARG C 54 6.25 53.39 -20.48
C ARG C 54 5.90 54.86 -20.37
N LEU C 55 6.91 55.72 -20.30
CA LEU C 55 6.61 57.14 -20.25
C LEU C 55 6.28 57.66 -21.63
N ARG C 56 6.91 57.08 -22.65
CA ARG C 56 6.59 57.48 -24.01
C ARG C 56 5.16 57.02 -24.31
N GLU C 57 4.86 55.80 -23.90
CA GLU C 57 3.54 55.24 -24.09
C GLU C 57 2.51 56.03 -23.29
N ILE C 58 2.88 56.37 -22.06
CA ILE C 58 2.00 57.08 -21.17
C ILE C 58 1.60 58.43 -21.73
N ASP C 59 2.58 59.25 -22.08
CA ASP C 59 2.26 60.54 -22.61
C ASP C 59 1.51 60.43 -23.93
N ARG C 60 1.66 59.28 -24.57
CA ARG C 60 0.99 59.05 -25.85
C ARG C 60 -0.51 58.98 -25.64
N ARG C 61 -0.95 58.08 -24.77
CA ARG C 61 -2.36 57.96 -24.49
C ARG C 61 -2.85 59.27 -23.90
N VAL C 62 -1.98 59.97 -23.19
CA VAL C 62 -2.42 61.22 -22.60
C VAL C 62 -2.87 62.13 -23.71
N ARG C 63 -2.15 62.06 -24.82
CA ARG C 63 -2.45 62.86 -26.00
C ARG C 63 -3.80 62.44 -26.61
N TYR C 64 -3.91 61.15 -26.91
CA TYR C 64 -5.13 60.60 -27.51
C TYR C 64 -6.37 60.88 -26.65
N LEU C 65 -6.31 60.49 -25.39
CA LEU C 65 -7.44 60.71 -24.52
C LEU C 65 -7.91 62.14 -24.55
N THR C 66 -6.97 63.06 -24.37
CA THR C 66 -7.31 64.48 -24.34
C THR C 66 -8.17 64.88 -25.54
N LYS C 67 -7.78 64.45 -26.74
CA LYS C 67 -8.55 64.82 -27.93
C LYS C 67 -9.87 64.07 -28.00
N CYS C 68 -9.89 62.79 -27.65
CA CYS C 68 -11.14 62.04 -27.73
C CYS C 68 -12.16 62.60 -26.74
N MET C 69 -11.69 63.24 -25.69
CA MET C 69 -12.61 63.81 -24.72
C MET C 69 -13.47 64.89 -25.36
N GLU C 70 -12.83 65.72 -26.17
CA GLU C 70 -13.50 66.83 -26.84
C GLU C 70 -14.35 66.39 -28.03
N ASN C 71 -13.92 65.38 -28.77
CA ASN C 71 -14.64 64.97 -29.97
C ASN C 71 -15.65 63.86 -29.72
N LEU C 72 -15.55 63.17 -28.60
CA LEU C 72 -16.51 62.09 -28.30
C LEU C 72 -17.88 62.72 -27.97
N LYS C 73 -18.97 61.96 -27.95
CA LYS C 73 -20.32 62.47 -27.61
C LYS C 73 -21.00 61.46 -26.69
N ILE C 74 -21.66 61.93 -25.63
CA ILE C 74 -22.30 61.01 -24.70
C ILE C 74 -23.74 60.71 -25.10
N VAL C 75 -24.21 59.51 -24.82
CA VAL C 75 -25.58 59.12 -25.14
C VAL C 75 -26.34 58.68 -23.89
N ASP C 76 -26.77 59.65 -23.11
CA ASP C 76 -27.48 59.31 -21.90
C ASP C 76 -28.91 58.90 -22.21
N TYR C 77 -29.14 57.64 -22.57
CA TYR C 77 -30.54 57.31 -22.78
C TYR C 77 -30.98 56.07 -22.06
N SER C 78 -32.15 56.22 -21.46
CA SER C 78 -32.81 55.22 -20.66
C SER C 78 -33.97 54.50 -21.41
N PRO C 79 -34.67 53.55 -20.76
CA PRO C 79 -35.79 52.75 -21.29
C PRO C 79 -36.95 53.48 -22.05
N GLN C 80 -37.27 54.77 -21.83
CA GLN C 80 -38.44 55.35 -22.53
C GLN C 80 -38.55 54.89 -23.99
N GLN C 81 -37.71 55.39 -24.88
CA GLN C 81 -37.79 54.92 -26.25
C GLN C 81 -37.06 53.57 -26.38
N GLU C 82 -37.81 52.48 -26.20
CA GLU C 82 -37.28 51.11 -26.21
C GLU C 82 -37.91 50.28 -27.34
N GLY C 83 -37.59 48.99 -27.37
CA GLY C 83 -38.12 48.11 -28.40
C GLY C 83 -37.15 47.97 -29.55
N LYS C 84 -36.75 49.12 -30.09
CA LYS C 84 -35.79 49.14 -31.18
C LYS C 84 -34.35 49.17 -30.63
N VAL C 85 -33.47 48.42 -31.30
CA VAL C 85 -32.06 48.14 -30.96
C VAL C 85 -31.00 49.27 -30.84
N PHE C 86 -30.99 50.27 -31.70
CA PHE C 86 -29.92 51.32 -31.76
C PHE C 86 -28.75 51.39 -30.71
N PHE C 87 -28.88 51.95 -29.51
CA PHE C 87 -27.65 52.11 -28.69
C PHE C 87 -27.72 51.62 -27.25
N GLY C 88 -26.54 51.29 -26.71
CA GLY C 88 -26.44 50.80 -25.34
C GLY C 88 -27.45 49.71 -25.08
N ALA C 89 -27.69 48.93 -26.13
CA ALA C 89 -28.71 47.89 -26.04
C ALA C 89 -28.13 46.50 -26.03
N TRP C 90 -28.37 45.79 -24.93
CA TRP C 90 -27.90 44.43 -24.87
C TRP C 90 -28.78 43.57 -25.74
N VAL C 91 -28.16 42.97 -26.72
CA VAL C 91 -28.88 42.15 -27.67
C VAL C 91 -28.49 40.67 -27.56
N GLU C 92 -29.45 39.80 -27.80
CA GLU C 92 -29.23 38.35 -27.82
C GLU C 92 -29.58 37.87 -29.24
N ILE C 93 -28.78 36.99 -29.83
CA ILE C 93 -29.10 36.54 -31.19
C ILE C 93 -28.91 35.03 -31.34
N GLU C 94 -29.59 34.45 -32.33
CA GLU C 94 -29.56 33.00 -32.53
C GLU C 94 -29.00 32.52 -33.86
N ASN C 95 -28.52 31.28 -33.81
CA ASN C 95 -27.99 30.56 -34.95
C ASN C 95 -28.73 29.23 -35.05
N ASP C 96 -28.83 28.67 -36.25
CA ASP C 96 -29.59 27.44 -36.43
C ASP C 96 -29.03 26.26 -35.66
N ASP C 97 -27.72 26.04 -35.73
CA ASP C 97 -27.11 24.91 -35.02
C ASP C 97 -27.03 25.20 -33.50
N GLY C 98 -27.45 26.41 -33.11
CA GLY C 98 -27.48 26.77 -31.70
C GLY C 98 -26.40 27.71 -31.21
N VAL C 99 -26.09 28.75 -31.97
CA VAL C 99 -25.08 29.67 -31.49
C VAL C 99 -25.75 30.85 -30.84
N THR C 100 -25.51 31.01 -29.55
CA THR C 100 -26.08 32.08 -28.77
C THR C 100 -24.99 32.95 -28.17
N HIS C 101 -25.00 34.24 -28.48
CA HIS C 101 -24.00 35.12 -27.89
C HIS C 101 -24.53 36.53 -27.71
N ARG C 102 -24.32 37.05 -26.50
CA ARG C 102 -24.77 38.38 -26.11
C ARG C 102 -23.80 39.48 -26.54
N PHE C 103 -24.23 40.72 -26.39
CA PHE C 103 -23.42 41.91 -26.64
C PHE C 103 -24.21 43.21 -26.58
N ARG C 104 -23.58 44.25 -26.03
CA ARG C 104 -24.19 45.58 -25.96
C ARG C 104 -23.41 46.52 -26.86
N ILE C 105 -24.08 47.39 -27.59
CA ILE C 105 -23.38 48.26 -28.51
C ILE C 105 -22.92 49.56 -27.89
N VAL C 106 -21.60 49.77 -27.94
CA VAL C 106 -20.92 50.98 -27.43
C VAL C 106 -19.73 51.34 -28.33
N GLY C 107 -19.19 52.56 -28.20
CA GLY C 107 -18.11 53.02 -29.07
C GLY C 107 -16.76 52.34 -28.94
N TYR C 108 -15.99 52.38 -30.04
CA TYR C 108 -14.67 51.75 -30.11
C TYR C 108 -13.70 52.42 -29.17
N ASP C 109 -13.77 53.74 -29.09
CA ASP C 109 -12.81 54.42 -28.25
C ASP C 109 -12.58 53.67 -26.97
N GLU C 110 -13.62 53.49 -26.15
CA GLU C 110 -13.38 52.70 -24.96
C GLU C 110 -14.37 51.59 -24.75
N ILE C 111 -13.90 50.47 -25.27
CA ILE C 111 -14.55 49.20 -25.22
C ILE C 111 -13.49 48.20 -24.88
N PHE C 112 -13.79 47.36 -23.92
CA PHE C 112 -12.92 46.27 -23.50
C PHE C 112 -13.84 45.13 -23.13
N GLY C 113 -13.34 43.95 -22.85
CA GLY C 113 -14.27 42.88 -22.47
C GLY C 113 -15.02 43.16 -21.15
N ARG C 114 -14.91 44.38 -20.62
CA ARG C 114 -15.51 44.73 -19.35
C ARG C 114 -17.00 45.10 -19.42
N LYS C 115 -17.33 46.23 -20.03
CA LYS C 115 -18.72 46.64 -20.05
C LYS C 115 -19.53 46.03 -21.18
N ASP C 116 -19.05 46.26 -22.39
CA ASP C 116 -19.72 45.79 -23.61
C ASP C 116 -18.67 45.65 -24.69
N TYR C 117 -18.57 44.52 -25.39
CA TYR C 117 -17.49 44.49 -26.34
C TYR C 117 -17.83 44.54 -27.81
N ILE C 118 -18.79 45.39 -28.18
CA ILE C 118 -19.08 45.58 -29.59
C ILE C 118 -19.14 47.06 -29.93
N SER C 119 -18.43 47.44 -30.99
CA SER C 119 -18.38 48.82 -31.42
C SER C 119 -19.49 49.10 -32.43
N ILE C 120 -20.02 50.32 -32.44
CA ILE C 120 -21.10 50.60 -33.37
C ILE C 120 -20.65 50.61 -34.82
N ASP C 121 -19.44 51.06 -35.09
CA ASP C 121 -18.96 51.09 -36.47
C ASP C 121 -18.63 49.66 -36.91
N SER C 122 -19.35 48.68 -36.37
CA SER C 122 -19.07 47.30 -36.67
C SER C 122 -20.19 46.65 -37.46
N PRO C 123 -19.84 45.69 -38.35
CA PRO C 123 -20.81 44.96 -39.16
C PRO C 123 -22.03 44.52 -38.35
N MET C 124 -21.85 43.69 -37.34
CA MET C 124 -22.99 43.23 -36.54
C MET C 124 -23.82 44.39 -35.99
N ALA C 125 -23.14 45.44 -35.56
CA ALA C 125 -23.81 46.61 -35.04
C ALA C 125 -24.59 47.28 -36.14
N ARG C 126 -24.10 47.15 -37.35
CA ARG C 126 -24.76 47.76 -38.47
C ARG C 126 -26.05 47.02 -38.82
N ALA C 127 -25.93 45.72 -39.09
CA ALA C 127 -27.08 44.93 -39.44
C ALA C 127 -28.12 45.01 -38.34
N LEU C 128 -27.70 44.65 -37.14
CA LEU C 128 -28.56 44.63 -35.97
C LEU C 128 -29.01 46.00 -35.53
N LEU C 129 -28.40 47.03 -36.11
CA LEU C 129 -28.67 48.42 -35.72
C LEU C 129 -30.13 48.69 -35.33
N LYS C 130 -31.02 48.78 -36.30
CA LYS C 130 -32.43 49.05 -35.99
C LYS C 130 -33.35 47.95 -36.48
N LYS C 131 -33.52 46.90 -35.68
CA LYS C 131 -34.40 45.83 -36.08
C LYS C 131 -35.23 45.34 -34.92
N GLU C 132 -36.50 45.11 -35.20
CA GLU C 132 -37.46 44.68 -34.21
C GLU C 132 -37.05 43.40 -33.46
N VAL C 133 -37.83 43.13 -32.43
CA VAL C 133 -37.66 42.00 -31.51
C VAL C 133 -37.51 40.64 -32.20
N GLY C 134 -37.71 40.55 -33.50
CA GLY C 134 -37.57 39.24 -34.10
C GLY C 134 -37.28 39.27 -35.58
N ASP C 135 -36.31 40.08 -36.01
CA ASP C 135 -35.99 40.13 -37.42
C ASP C 135 -34.85 39.18 -37.82
N LEU C 136 -34.70 38.98 -39.11
CA LEU C 136 -33.68 38.12 -39.68
C LEU C 136 -32.55 39.00 -40.24
N ALA C 137 -31.49 39.19 -39.47
CA ALA C 137 -30.35 40.03 -39.84
C ALA C 137 -29.21 39.28 -40.57
N VAL C 138 -28.59 40.00 -41.52
CA VAL C 138 -27.53 39.47 -42.37
C VAL C 138 -26.21 40.16 -42.15
N VAL C 139 -25.12 39.43 -42.33
CA VAL C 139 -23.80 40.01 -42.20
C VAL C 139 -22.84 39.38 -43.22
N ASN C 140 -22.07 40.23 -43.90
CA ASN C 140 -21.11 39.73 -44.89
C ASN C 140 -19.71 40.25 -44.61
N THR C 141 -18.74 39.46 -45.03
CA THR C 141 -17.32 39.72 -44.86
C THR C 141 -16.56 38.79 -45.80
N PRO C 142 -15.24 39.01 -46.03
CA PRO C 142 -14.44 38.16 -46.92
C PRO C 142 -15.03 36.77 -47.09
N ALA C 143 -14.70 35.86 -46.17
CA ALA C 143 -15.25 34.50 -46.25
C ALA C 143 -16.53 34.44 -45.46
N GLY C 144 -16.80 35.55 -44.79
CA GLY C 144 -17.95 35.62 -43.93
C GLY C 144 -19.31 35.93 -44.55
N GLU C 145 -20.13 34.88 -44.64
CA GLU C 145 -21.52 34.98 -45.08
C GLU C 145 -22.32 34.61 -43.82
N ALA C 146 -23.30 35.41 -43.39
CA ALA C 146 -23.94 35.03 -42.13
C ALA C 146 -25.36 35.54 -41.92
N SER C 147 -26.16 34.67 -41.31
CA SER C 147 -27.57 34.93 -41.00
C SER C 147 -27.81 34.83 -39.51
N TRP C 148 -28.49 35.82 -38.93
CA TRP C 148 -28.79 35.82 -37.49
C TRP C 148 -30.19 36.28 -37.16
N TYR C 149 -30.71 35.79 -36.04
CA TYR C 149 -32.05 36.14 -35.61
C TYR C 149 -32.02 36.95 -34.34
N VAL C 150 -32.65 38.11 -34.37
CA VAL C 150 -32.72 38.97 -33.19
C VAL C 150 -33.61 38.36 -32.14
N ASN C 151 -33.12 38.21 -30.93
CA ASN C 151 -33.96 37.61 -29.93
C ASN C 151 -34.56 38.63 -28.98
N ALA C 152 -33.79 39.14 -28.02
CA ALA C 152 -34.36 40.10 -27.06
C ALA C 152 -33.49 41.35 -26.82
N ILE C 153 -34.16 42.48 -26.66
CA ILE C 153 -33.49 43.75 -26.43
C ILE C 153 -33.71 44.22 -25.01
N GLU C 154 -32.62 44.36 -24.25
CA GLU C 154 -32.70 44.82 -22.88
C GLU C 154 -31.84 46.08 -22.67
N TYR C 155 -32.48 47.18 -22.29
CA TYR C 155 -31.81 48.45 -22.00
C TYR C 155 -31.83 48.72 -20.51
N VAL C 156 -30.68 48.67 -19.84
CA VAL C 156 -30.70 48.95 -18.41
C VAL C 156 -29.38 49.59 -17.98
N MET D 1 -7.31 -3.29 36.51
CA MET D 1 -7.80 -4.60 36.02
C MET D 1 -7.69 -5.69 37.11
N LYS D 2 -7.13 -5.33 38.27
CA LYS D 2 -7.01 -6.25 39.42
C LYS D 2 -7.79 -5.65 40.59
N THR D 3 -8.86 -6.31 41.04
CA THR D 3 -9.64 -5.73 42.14
C THR D 3 -9.60 -6.56 43.42
N PRO D 4 -9.23 -5.92 44.55
CA PRO D 4 -9.08 -6.43 45.93
C PRO D 4 -10.40 -6.82 46.64
N LEU D 5 -11.52 -6.16 46.36
CA LEU D 5 -12.75 -6.53 47.06
C LEU D 5 -13.07 -8.01 46.91
N VAL D 6 -13.46 -8.62 48.02
CA VAL D 6 -13.80 -10.02 48.09
C VAL D 6 -14.83 -10.24 49.16
N THR D 7 -15.77 -11.04 48.83
CA THR D 7 -16.81 -11.36 49.76
C THR D 7 -16.25 -12.05 51.01
N ARG D 8 -17.03 -12.03 52.09
CA ARG D 8 -16.64 -12.70 53.33
C ARG D 8 -16.59 -14.22 53.08
N GLU D 9 -17.61 -14.69 52.36
CA GLU D 9 -17.70 -16.09 52.03
C GLU D 9 -16.45 -16.52 51.26
N GLY D 10 -16.17 -15.82 50.17
CA GLY D 10 -15.00 -16.11 49.35
C GLY D 10 -13.70 -16.08 50.13
N TYR D 11 -13.67 -15.31 51.20
CA TYR D 11 -12.46 -15.24 51.99
C TYR D 11 -12.21 -16.58 52.65
N GLU D 12 -13.25 -17.09 53.31
CA GLU D 12 -13.19 -18.36 54.00
C GLU D 12 -12.53 -19.42 53.12
N LYS D 13 -12.89 -19.41 51.84
CA LYS D 13 -12.35 -20.37 50.88
C LYS D 13 -10.86 -20.23 50.70
N LEU D 14 -10.44 -19.02 50.30
CA LEU D 14 -9.03 -18.77 50.10
C LEU D 14 -8.23 -19.28 51.28
N LYS D 15 -8.75 -19.06 52.49
CA LYS D 15 -8.05 -19.55 53.67
C LYS D 15 -8.05 -21.07 53.63
N GLN D 16 -9.22 -21.62 53.37
CA GLN D 16 -9.41 -23.06 53.31
C GLN D 16 -8.43 -23.69 52.33
N GLU D 17 -8.24 -23.08 51.17
CA GLU D 17 -7.34 -23.65 50.18
C GLU D 17 -5.92 -23.74 50.70
N LEU D 18 -5.36 -22.59 51.09
CA LEU D 18 -4.01 -22.56 51.62
C LEU D 18 -3.85 -23.62 52.69
N ASN D 19 -4.95 -23.89 53.39
CA ASN D 19 -4.97 -24.90 54.41
C ASN D 19 -4.87 -26.27 53.80
N TYR D 20 -5.78 -26.58 52.88
CA TYR D 20 -5.78 -27.88 52.21
C TYR D 20 -4.49 -28.08 51.42
N LEU D 21 -3.92 -26.99 50.94
CA LEU D 21 -2.73 -27.10 50.10
C LEU D 21 -1.47 -27.42 50.88
N TRP D 22 -1.24 -26.69 51.97
CA TRP D 22 -0.04 -26.81 52.77
C TRP D 22 -0.11 -27.94 53.81
N ARG D 23 -1.31 -28.30 54.22
CA ARG D 23 -1.44 -29.34 55.23
C ARG D 23 -1.95 -30.66 54.67
N GLU D 24 -2.66 -30.64 53.55
CA GLU D 24 -3.20 -31.89 53.02
C GLU D 24 -2.64 -32.35 51.66
N GLU D 25 -2.44 -31.48 50.66
CA GLU D 25 -1.96 -32.01 49.38
C GLU D 25 -0.45 -31.92 49.23
N ARG D 26 0.21 -30.93 49.82
CA ARG D 26 1.67 -30.90 49.69
C ARG D 26 2.23 -32.26 50.17
N PRO D 27 1.65 -32.80 51.26
CA PRO D 27 2.15 -34.09 51.74
C PRO D 27 1.98 -35.16 50.68
N GLU D 28 0.80 -35.18 50.06
CA GLU D 28 0.53 -36.16 49.01
C GLU D 28 1.54 -36.05 47.86
N VAL D 29 1.64 -34.87 47.27
CA VAL D 29 2.50 -34.67 46.11
C VAL D 29 3.97 -34.98 46.38
N THR D 30 4.53 -34.41 47.44
CA THR D 30 5.94 -34.64 47.71
C THR D 30 6.21 -36.14 47.89
N LYS D 31 5.23 -36.84 48.46
CA LYS D 31 5.39 -38.26 48.70
C LYS D 31 5.54 -39.05 47.39
N LYS D 32 4.81 -38.67 46.33
CA LYS D 32 4.93 -39.42 45.09
C LYS D 32 6.26 -39.13 44.41
N VAL D 33 6.61 -37.86 44.25
CA VAL D 33 7.87 -37.48 43.63
C VAL D 33 9.02 -38.25 44.27
N THR D 34 8.84 -38.61 45.54
CA THR D 34 9.85 -39.36 46.24
C THR D 34 10.02 -40.72 45.61
N TRP D 35 8.95 -41.51 45.62
CA TRP D 35 9.01 -42.84 45.06
C TRP D 35 9.45 -42.82 43.60
N ALA D 36 8.98 -41.81 42.88
CA ALA D 36 9.29 -41.67 41.46
C ALA D 36 10.79 -41.76 41.24
N ALA D 37 11.55 -41.05 42.07
CA ALA D 37 12.97 -41.06 41.93
C ALA D 37 13.54 -42.42 42.30
N SER D 38 13.08 -42.97 43.41
CA SER D 38 13.55 -44.27 43.85
C SER D 38 13.31 -45.31 42.76
N LEU D 39 12.18 -45.14 42.08
CA LEU D 39 11.76 -46.07 41.06
C LEU D 39 12.55 -46.07 39.76
N GLY D 40 13.10 -44.94 39.30
CA GLY D 40 13.84 -45.05 38.06
C GLY D 40 14.16 -43.75 37.35
N ASP D 41 14.43 -43.88 36.06
CA ASP D 41 14.83 -42.79 35.17
C ASP D 41 13.85 -41.62 35.11
N ARG D 42 14.48 -40.45 35.07
CA ARG D 42 13.86 -39.13 35.08
C ARG D 42 12.94 -38.80 33.89
N SER D 43 13.42 -38.90 32.67
CA SER D 43 12.59 -38.51 31.51
C SER D 43 11.48 -39.50 31.15
N GLU D 44 11.81 -40.78 30.97
CA GLU D 44 10.80 -41.76 30.58
C GLU D 44 9.66 -41.86 31.60
N ASN D 45 9.94 -41.54 32.87
CA ASN D 45 8.87 -41.61 33.88
C ASN D 45 7.98 -40.38 33.83
N ALA D 46 6.72 -40.62 33.50
CA ALA D 46 5.74 -39.56 33.39
C ALA D 46 5.15 -39.14 34.74
N ASP D 47 5.18 -40.02 35.73
CA ASP D 47 4.63 -39.67 37.02
C ASP D 47 5.60 -38.83 37.85
N TYR D 48 6.89 -39.03 37.64
CA TYR D 48 7.87 -38.22 38.35
C TYR D 48 7.76 -36.78 37.84
N GLN D 49 7.57 -36.65 36.54
CA GLN D 49 7.46 -35.33 35.92
C GLN D 49 6.09 -34.68 36.18
N TYR D 50 5.01 -35.43 36.03
CA TYR D 50 3.68 -34.85 36.28
C TYR D 50 3.59 -34.33 37.70
N ASN D 51 4.05 -35.14 38.65
CA ASN D 51 3.95 -34.73 40.04
C ASN D 51 4.89 -33.60 40.39
N LYS D 52 5.99 -33.47 39.67
CA LYS D 52 6.86 -32.35 39.94
C LYS D 52 6.15 -31.06 39.55
N LYS D 53 5.43 -31.11 38.43
CA LYS D 53 4.70 -29.94 37.98
C LYS D 53 3.59 -29.55 38.95
N ARG D 54 2.71 -30.49 39.27
CA ARG D 54 1.62 -30.15 40.17
C ARG D 54 2.17 -29.58 41.48
N LEU D 55 3.39 -29.96 41.84
CA LEU D 55 3.97 -29.42 43.04
C LEU D 55 4.52 -28.02 42.77
N ARG D 56 4.97 -27.79 41.56
CA ARG D 56 5.44 -26.46 41.22
C ARG D 56 4.21 -25.55 41.15
N GLU D 57 3.15 -26.08 40.57
CA GLU D 57 1.92 -25.32 40.44
C GLU D 57 1.32 -25.10 41.81
N ILE D 58 1.38 -26.13 42.65
CA ILE D 58 0.80 -26.05 43.97
C ILE D 58 1.47 -24.99 44.83
N ASP D 59 2.79 -25.03 44.95
CA ASP D 59 3.48 -24.04 45.76
C ASP D 59 3.33 -22.64 45.14
N ARG D 60 2.98 -22.61 43.86
CA ARG D 60 2.79 -21.33 43.18
C ARG D 60 1.55 -20.65 43.73
N ARG D 61 0.43 -21.34 43.68
CA ARG D 61 -0.81 -20.79 44.21
C ARG D 61 -0.65 -20.52 45.69
N VAL D 62 0.16 -21.34 46.36
CA VAL D 62 0.37 -21.12 47.78
C VAL D 62 0.92 -19.73 47.97
N ARG D 63 1.80 -19.33 47.06
CA ARG D 63 2.42 -18.03 47.11
C ARG D 63 1.39 -16.91 46.86
N TYR D 64 0.67 -17.03 45.77
CA TYR D 64 -0.35 -16.05 45.39
C TYR D 64 -1.41 -15.90 46.48
N LEU D 65 -2.01 -17.01 46.88
CA LEU D 65 -3.04 -16.95 47.89
C LEU D 65 -2.55 -16.19 49.12
N THR D 66 -1.40 -16.59 49.64
CA THR D 66 -0.86 -15.95 50.83
C THR D 66 -0.86 -14.43 50.73
N LYS D 67 -0.41 -13.89 49.60
CA LYS D 67 -0.35 -12.44 49.47
C LYS D 67 -1.73 -11.84 49.29
N CYS D 68 -2.60 -12.50 48.54
CA CYS D 68 -3.93 -11.94 48.33
C CYS D 68 -4.72 -11.91 49.62
N MET D 69 -4.37 -12.78 50.56
CA MET D 69 -5.05 -12.81 51.84
C MET D 69 -4.86 -11.51 52.58
N GLU D 70 -3.63 -11.00 52.51
CA GLU D 70 -3.26 -9.76 53.20
C GLU D 70 -3.72 -8.51 52.48
N ASN D 71 -3.74 -8.52 51.15
CA ASN D 71 -4.11 -7.33 50.40
C ASN D 71 -5.57 -7.29 49.98
N LEU D 72 -6.26 -8.43 50.07
CA LEU D 72 -7.66 -8.48 49.70
C LEU D 72 -8.48 -7.70 50.66
N LYS D 73 -9.63 -7.30 50.14
CA LYS D 73 -10.51 -6.51 50.96
C LYS D 73 -11.88 -7.13 51.03
N ILE D 74 -12.41 -7.27 52.24
CA ILE D 74 -13.72 -7.86 52.41
C ILE D 74 -14.83 -6.82 52.37
N VAL D 75 -15.99 -7.19 51.84
CA VAL D 75 -17.16 -6.29 51.72
C VAL D 75 -18.35 -6.84 52.51
N ASP D 76 -18.31 -6.68 53.82
CA ASP D 76 -19.41 -7.18 54.62
C ASP D 76 -20.60 -6.26 54.53
N TYR D 77 -21.42 -6.38 53.49
CA TYR D 77 -22.57 -5.50 53.49
C TYR D 77 -23.89 -6.21 53.27
N SER D 78 -24.84 -5.82 54.13
CA SER D 78 -26.18 -6.35 54.18
C SER D 78 -27.21 -5.41 53.48
N PRO D 79 -28.52 -5.79 53.47
CA PRO D 79 -29.67 -5.08 52.88
C PRO D 79 -29.82 -3.57 53.19
N GLN D 80 -29.36 -2.99 54.30
CA GLN D 80 -29.63 -1.55 54.55
C GLN D 80 -29.56 -0.67 53.28
N GLN D 81 -28.36 -0.42 52.77
CA GLN D 81 -28.26 0.35 51.53
C GLN D 81 -28.50 -0.58 50.33
N GLU D 82 -29.77 -0.67 49.93
CA GLU D 82 -30.21 -1.53 48.83
C GLU D 82 -30.83 -0.72 47.69
N GLY D 83 -31.34 -1.43 46.68
CA GLY D 83 -31.95 -0.79 45.55
C GLY D 83 -30.96 -0.69 44.42
N LYS D 84 -29.82 -0.09 44.72
CA LYS D 84 -28.78 0.06 43.72
C LYS D 84 -27.89 -1.19 43.71
N VAL D 85 -27.48 -1.57 42.50
CA VAL D 85 -26.75 -2.81 42.16
C VAL D 85 -25.31 -3.10 42.71
N PHE D 86 -24.43 -2.11 42.82
CA PHE D 86 -22.99 -2.30 43.18
C PHE D 86 -22.40 -3.71 43.60
N PHE D 87 -22.51 -4.19 44.86
CA PHE D 87 -21.77 -5.47 45.18
C PHE D 87 -22.58 -6.59 45.81
N GLY D 88 -22.08 -7.81 45.65
CA GLY D 88 -22.75 -8.99 46.19
C GLY D 88 -24.23 -8.97 45.91
N ALA D 89 -24.56 -8.42 44.75
CA ALA D 89 -25.95 -8.26 44.37
C ALA D 89 -26.38 -9.22 43.29
N TRP D 90 -27.34 -10.09 43.61
CA TRP D 90 -27.85 -11.00 42.60
C TRP D 90 -28.75 -10.22 41.64
N VAL D 91 -28.35 -10.17 40.38
CA VAL D 91 -29.10 -9.43 39.40
C VAL D 91 -29.70 -10.34 38.35
N GLU D 92 -30.86 -9.92 37.85
CA GLU D 92 -31.54 -10.63 36.78
C GLU D 92 -31.67 -9.66 35.61
N ILE D 93 -31.46 -10.12 34.39
CA ILE D 93 -31.53 -9.23 33.23
C ILE D 93 -32.30 -9.85 32.06
N GLU D 94 -32.84 -9.00 31.18
CA GLU D 94 -33.64 -9.46 30.04
C GLU D 94 -33.07 -9.13 28.66
N ASN D 95 -33.49 -9.96 27.72
CA ASN D 95 -33.17 -9.84 26.30
C ASN D 95 -34.50 -9.85 25.54
N ASP D 96 -34.56 -9.18 24.40
CA ASP D 96 -35.80 -9.11 23.66
C ASP D 96 -36.34 -10.45 23.19
N ASP D 97 -35.50 -11.31 22.62
CA ASP D 97 -35.97 -12.60 22.18
C ASP D 97 -36.20 -13.56 23.35
N GLY D 98 -35.89 -13.07 24.55
CA GLY D 98 -36.13 -13.84 25.76
C GLY D 98 -34.91 -14.46 26.42
N VAL D 99 -33.83 -13.71 26.56
CA VAL D 99 -32.70 -14.30 27.24
C VAL D 99 -32.66 -13.83 28.67
N THR D 100 -32.79 -14.78 29.57
CA THR D 100 -32.76 -14.50 30.99
C THR D 100 -31.64 -15.26 31.67
N HIS D 101 -30.76 -14.54 32.36
CA HIS D 101 -29.65 -15.20 33.05
C HIS D 101 -29.26 -14.41 34.28
N ARG D 102 -29.14 -15.14 35.40
CA ARG D 102 -28.82 -14.57 36.69
C ARG D 102 -27.31 -14.47 36.90
N PHE D 103 -26.91 -13.78 37.98
CA PHE D 103 -25.52 -13.63 38.39
C PHE D 103 -25.36 -12.63 39.53
N ARG D 104 -24.43 -12.95 40.44
CA ARG D 104 -24.10 -12.08 41.56
C ARG D 104 -22.66 -11.59 41.37
N ILE D 105 -22.40 -10.32 41.64
CA ILE D 105 -21.06 -9.81 41.41
C ILE D 105 -20.13 -9.98 42.61
N VAL D 106 -19.02 -10.67 42.36
CA VAL D 106 -17.96 -10.96 43.34
C VAL D 106 -16.59 -10.93 42.64
N GLY D 107 -15.51 -10.86 43.39
CA GLY D 107 -14.17 -10.77 42.81
C GLY D 107 -13.66 -11.99 42.04
N TYR D 108 -12.72 -11.73 41.13
CA TYR D 108 -12.09 -12.75 40.28
C TYR D 108 -11.26 -13.70 41.09
N ASP D 109 -10.52 -13.19 42.08
CA ASP D 109 -9.66 -14.06 42.88
C ASP D 109 -10.36 -15.37 43.16
N GLU D 110 -11.50 -15.33 43.87
CA GLU D 110 -12.16 -16.58 44.06
C GLU D 110 -13.62 -16.57 43.73
N ILE D 111 -13.81 -16.98 42.49
CA ILE D 111 -15.07 -17.13 41.84
C ILE D 111 -15.00 -18.43 41.08
N PHE D 112 -16.05 -19.21 41.23
CA PHE D 112 -16.19 -20.47 40.55
C PHE D 112 -17.68 -20.60 40.28
N GLY D 113 -18.10 -21.57 39.50
CA GLY D 113 -19.53 -21.66 39.29
C GLY D 113 -20.32 -21.99 40.57
N ARG D 114 -19.67 -21.92 41.73
CA ARG D 114 -20.32 -22.26 43.00
C ARG D 114 -21.13 -21.14 43.64
N LYS D 115 -20.50 -20.05 44.08
CA LYS D 115 -21.28 -19.00 44.73
C LYS D 115 -21.87 -18.00 43.78
N ASP D 116 -21.02 -17.37 42.99
CA ASP D 116 -21.43 -16.36 42.03
C ASP D 116 -20.40 -16.34 40.92
N TYR D 117 -20.80 -16.40 39.65
CA TYR D 117 -19.75 -16.46 38.65
C TYR D 117 -19.50 -15.22 37.79
N ILE D 118 -19.54 -14.04 38.39
CA ILE D 118 -19.22 -12.81 37.68
C ILE D 118 -18.26 -11.97 38.47
N SER D 119 -17.17 -11.58 37.83
CA SER D 119 -16.17 -10.74 38.48
C SER D 119 -16.51 -9.26 38.29
N ILE D 120 -16.17 -8.42 39.26
CA ILE D 120 -16.48 -6.99 39.15
C ILE D 120 -15.68 -6.30 38.04
N ASP D 121 -14.43 -6.70 37.81
CA ASP D 121 -13.68 -6.06 36.75
C ASP D 121 -14.14 -6.59 35.39
N SER D 122 -15.42 -6.91 35.30
CA SER D 122 -15.98 -7.44 34.06
C SER D 122 -16.95 -6.48 33.41
N PRO D 123 -17.01 -6.49 32.08
CA PRO D 123 -17.90 -5.62 31.32
C PRO D 123 -19.30 -5.57 31.89
N MET D 124 -19.99 -6.70 31.93
CA MET D 124 -21.35 -6.71 32.45
C MET D 124 -21.41 -6.08 33.84
N ALA D 125 -20.40 -6.38 34.68
CA ALA D 125 -20.35 -5.84 36.03
C ALA D 125 -20.16 -4.33 35.97
N ARG D 126 -19.51 -3.87 34.91
CA ARG D 126 -19.26 -2.45 34.73
C ARG D 126 -20.55 -1.72 34.37
N ALA D 127 -21.20 -2.15 33.29
CA ALA D 127 -22.44 -1.53 32.83
C ALA D 127 -23.49 -1.58 33.90
N LEU D 128 -23.75 -2.79 34.38
CA LEU D 128 -24.77 -3.07 35.40
C LEU D 128 -24.38 -2.52 36.77
N LEU D 129 -23.13 -2.10 36.91
CA LEU D 129 -22.61 -1.64 38.19
C LEU D 129 -23.63 -0.87 39.03
N LYS D 130 -23.92 0.37 38.67
CA LYS D 130 -24.88 1.13 39.47
C LYS D 130 -26.06 1.61 38.65
N LYS D 131 -27.08 0.77 38.53
CA LYS D 131 -28.25 1.14 37.76
C LYS D 131 -29.51 0.68 38.44
N GLU D 132 -30.51 1.57 38.44
CA GLU D 132 -31.78 1.33 39.10
C GLU D 132 -32.48 0.06 38.64
N VAL D 133 -33.56 -0.25 39.35
CA VAL D 133 -34.39 -1.44 39.18
C VAL D 133 -34.89 -1.66 37.75
N GLY D 134 -34.71 -0.68 36.86
CA GLY D 134 -35.18 -0.88 35.50
C GLY D 134 -34.49 -0.05 34.44
N ASP D 135 -33.16 -0.07 34.41
CA ASP D 135 -32.46 0.72 33.40
C ASP D 135 -32.07 -0.11 32.17
N LEU D 136 -31.69 0.59 31.12
CA LEU D 136 -31.28 -0.03 29.87
C LEU D 136 -29.76 0.00 29.77
N ALA D 137 -29.11 -1.11 30.12
CA ALA D 137 -27.65 -1.22 30.14
C ALA D 137 -27.05 -1.73 28.82
N VAL D 138 -25.87 -1.21 28.50
CA VAL D 138 -25.15 -1.53 27.26
C VAL D 138 -23.82 -2.22 27.51
N VAL D 139 -23.40 -3.07 26.58
CA VAL D 139 -22.11 -3.74 26.70
C VAL D 139 -21.50 -3.90 25.31
N ASN D 140 -20.22 -3.60 25.20
CA ASN D 140 -19.51 -3.73 23.94
C ASN D 140 -18.24 -4.56 24.09
N THR D 141 -17.88 -5.21 22.99
CA THR D 141 -16.73 -6.10 22.88
C THR D 141 -16.46 -6.30 21.41
N PRO D 142 -15.30 -6.89 21.03
CA PRO D 142 -14.95 -7.14 19.62
C PRO D 142 -16.19 -7.22 18.70
N ALA D 143 -16.77 -8.42 18.59
CA ALA D 143 -17.97 -8.58 17.78
C ALA D 143 -19.18 -8.35 18.64
N GLY D 144 -18.93 -8.16 19.93
CA GLY D 144 -20.00 -8.00 20.89
C GLY D 144 -20.60 -6.63 21.05
N GLU D 145 -21.81 -6.48 20.51
CA GLU D 145 -22.63 -5.29 20.69
C GLU D 145 -23.84 -5.78 21.49
N ALA D 146 -24.20 -5.13 22.61
CA ALA D 146 -25.29 -5.72 23.38
C ALA D 146 -26.08 -4.75 24.25
N SER D 147 -27.38 -5.05 24.32
CA SER D 147 -28.36 -4.27 25.08
C SER D 147 -29.07 -5.16 26.10
N TRP D 148 -29.13 -4.71 27.35
CA TRP D 148 -29.79 -5.49 28.41
C TRP D 148 -30.63 -4.64 29.35
N TYR D 149 -31.66 -5.27 29.89
CA TYR D 149 -32.57 -4.60 30.80
C TYR D 149 -32.46 -5.14 32.23
N VAL D 150 -32.19 -4.25 33.17
CA VAL D 150 -32.09 -4.61 34.57
C VAL D 150 -33.43 -5.01 35.10
N ASN D 151 -33.55 -6.21 35.66
CA ASN D 151 -34.85 -6.60 36.17
C ASN D 151 -34.96 -6.42 37.69
N ALA D 152 -34.39 -7.33 38.48
CA ALA D 152 -34.51 -7.22 39.94
C ALA D 152 -33.20 -7.44 40.68
N ILE D 153 -33.03 -6.68 41.77
CA ILE D 153 -31.85 -6.70 42.62
C ILE D 153 -32.15 -7.34 43.96
N GLU D 154 -31.52 -8.47 44.24
CA GLU D 154 -31.72 -9.17 45.52
C GLU D 154 -30.40 -9.36 46.27
N TYR D 155 -30.31 -8.75 47.46
CA TYR D 155 -29.15 -8.84 48.34
C TYR D 155 -29.46 -9.73 49.54
N VAL D 156 -28.85 -10.91 49.61
CA VAL D 156 -29.13 -11.76 50.75
C VAL D 156 -27.90 -12.58 51.14
N MET E 1 -5.79 -31.64 -9.62
CA MET E 1 -6.03 -32.35 -8.32
C MET E 1 -7.38 -31.96 -7.71
N LYS E 2 -8.07 -31.02 -8.36
CA LYS E 2 -9.40 -30.57 -7.93
C LYS E 2 -10.39 -30.86 -9.04
N THR E 3 -11.36 -31.76 -8.82
CA THR E 3 -12.30 -32.08 -9.89
C THR E 3 -13.75 -31.68 -9.59
N PRO E 4 -14.36 -30.94 -10.51
CA PRO E 4 -15.72 -30.38 -10.53
C PRO E 4 -16.86 -31.39 -10.68
N LEU E 5 -16.68 -32.50 -11.38
CA LEU E 5 -17.81 -33.43 -11.54
C LEU E 5 -18.38 -33.91 -10.20
N VAL E 6 -19.73 -34.00 -10.11
CA VAL E 6 -20.45 -34.34 -8.83
C VAL E 6 -21.85 -35.09 -8.99
N THR E 7 -22.28 -35.93 -7.90
CA THR E 7 -23.57 -36.73 -7.73
C THR E 7 -24.79 -35.87 -7.30
N ARG E 8 -25.99 -36.28 -7.73
CA ARG E 8 -27.23 -35.54 -7.42
C ARG E 8 -27.49 -35.61 -5.94
N GLU E 9 -27.33 -36.81 -5.40
CA GLU E 9 -27.53 -37.05 -3.98
C GLU E 9 -26.63 -36.12 -3.17
N GLY E 10 -25.33 -36.21 -3.43
CA GLY E 10 -24.34 -35.38 -2.75
C GLY E 10 -24.62 -33.90 -2.85
N TYR E 11 -25.28 -33.49 -3.91
CA TYR E 11 -25.60 -32.10 -4.05
C TYR E 11 -26.57 -31.65 -2.98
N GLU E 12 -27.65 -32.42 -2.86
CA GLU E 12 -28.70 -32.15 -1.87
C GLU E 12 -28.09 -31.83 -0.52
N LYS E 13 -27.07 -32.61 -0.16
CA LYS E 13 -26.40 -32.45 1.11
C LYS E 13 -25.72 -31.11 1.21
N LEU E 14 -24.83 -30.84 0.27
CA LEU E 14 -24.11 -29.59 0.27
C LEU E 14 -25.08 -28.43 0.49
N LYS E 15 -26.23 -28.51 -0.16
CA LYS E 15 -27.24 -27.48 0.01
C LYS E 15 -27.72 -27.48 1.45
N GLN E 16 -28.05 -28.68 1.90
CA GLN E 16 -28.54 -28.90 3.24
C GLN E 16 -27.59 -28.32 4.30
N GLU E 17 -26.28 -28.57 4.15
CA GLU E 17 -25.33 -28.04 5.10
C GLU E 17 -25.40 -26.53 5.18
N LEU E 18 -25.14 -25.85 4.05
CA LEU E 18 -25.17 -24.40 4.03
C LEU E 18 -26.46 -23.90 4.68
N ASN E 19 -27.50 -24.72 4.58
CA ASN E 19 -28.78 -24.39 5.18
C ASN E 19 -28.67 -24.51 6.70
N TYR E 20 -28.23 -25.67 7.15
CA TYR E 20 -28.11 -25.91 8.57
C TYR E 20 -27.09 -24.98 9.21
N LEU E 21 -26.08 -24.60 8.43
CA LEU E 21 -25.01 -23.76 8.96
C LEU E 21 -25.41 -22.31 9.16
N TRP E 22 -26.06 -21.72 8.16
CA TRP E 22 -26.44 -20.31 8.17
C TRP E 22 -27.76 -20.06 8.89
N ARG E 23 -28.64 -21.05 8.92
CA ARG E 23 -29.92 -20.85 9.55
C ARG E 23 -30.02 -21.55 10.89
N GLU E 24 -29.23 -22.59 11.14
CA GLU E 24 -29.38 -23.30 12.41
C GLU E 24 -28.17 -23.24 13.36
N GLU E 25 -26.93 -23.39 12.89
CA GLU E 25 -25.82 -23.37 13.87
C GLU E 25 -25.18 -22.01 14.05
N ARG E 26 -25.15 -21.17 13.03
CA ARG E 26 -24.57 -19.84 13.22
C ARG E 26 -25.29 -19.18 14.40
N PRO E 27 -26.62 -19.34 14.49
CA PRO E 27 -27.36 -18.74 15.61
C PRO E 27 -26.84 -19.27 16.96
N GLU E 28 -26.67 -20.59 17.04
CA GLU E 28 -26.17 -21.23 18.25
C GLU E 28 -24.79 -20.68 18.65
N VAL E 29 -23.83 -20.78 17.74
CA VAL E 29 -22.47 -20.33 18.02
C VAL E 29 -22.37 -18.85 18.39
N THR E 30 -22.90 -17.95 17.58
CA THR E 30 -22.79 -16.53 17.92
C THR E 30 -23.39 -16.25 19.29
N LYS E 31 -24.44 -16.97 19.65
CA LYS E 31 -25.11 -16.76 20.92
C LYS E 31 -24.18 -17.07 22.11
N LYS E 32 -23.38 -18.13 22.03
CA LYS E 32 -22.49 -18.45 23.15
C LYS E 32 -21.36 -17.41 23.28
N VAL E 33 -20.66 -17.10 22.18
CA VAL E 33 -19.56 -16.11 22.19
C VAL E 33 -20.03 -14.83 22.84
N THR E 34 -21.31 -14.59 22.71
CA THR E 34 -21.92 -13.42 23.31
C THR E 34 -21.77 -13.50 24.82
N TRP E 35 -22.40 -14.51 25.43
CA TRP E 35 -22.31 -14.61 26.86
C TRP E 35 -20.90 -14.75 27.35
N ALA E 36 -20.06 -15.44 26.59
CA ALA E 36 -18.67 -15.62 26.97
C ALA E 36 -18.03 -14.29 27.33
N ALA E 37 -18.28 -13.28 26.48
CA ALA E 37 -17.72 -11.98 26.72
C ALA E 37 -18.32 -11.35 27.96
N SER E 38 -19.64 -11.40 28.03
CA SER E 38 -20.32 -10.84 29.18
C SER E 38 -19.80 -11.46 30.47
N LEU E 39 -19.52 -12.75 30.40
CA LEU E 39 -19.08 -13.52 31.54
C LEU E 39 -17.68 -13.18 32.06
N GLY E 40 -16.70 -12.83 31.22
CA GLY E 40 -15.41 -12.54 31.81
C GLY E 40 -14.23 -12.47 30.86
N ASP E 41 -13.04 -12.66 31.44
CA ASP E 41 -11.74 -12.58 30.77
C ASP E 41 -11.58 -13.48 29.54
N ARG E 42 -10.93 -12.87 28.56
CA ARG E 42 -10.69 -13.43 27.22
C ARG E 42 -9.83 -14.70 27.18
N SER E 43 -8.62 -14.68 27.75
CA SER E 43 -7.74 -15.84 27.64
C SER E 43 -8.10 -17.02 28.53
N GLU E 44 -8.29 -16.79 29.82
CA GLU E 44 -8.61 -17.88 30.75
C GLU E 44 -9.90 -18.63 30.35
N ASN E 45 -10.83 -17.93 29.70
CA ASN E 45 -12.11 -18.56 29.29
C ASN E 45 -11.91 -19.42 28.03
N ALA E 46 -12.10 -20.73 28.19
CA ALA E 46 -11.91 -21.68 27.09
C ALA E 46 -13.12 -21.77 26.19
N ASP E 47 -14.29 -21.43 26.71
CA ASP E 47 -15.49 -21.50 25.90
C ASP E 47 -15.62 -20.27 24.98
N TYR E 48 -15.11 -19.13 25.41
CA TYR E 48 -15.16 -17.97 24.55
C TYR E 48 -14.28 -18.21 23.34
N GLN E 49 -13.13 -18.83 23.60
CA GLN E 49 -12.15 -19.14 22.56
C GLN E 49 -12.59 -20.33 21.68
N TYR E 50 -13.06 -21.40 22.30
CA TYR E 50 -13.49 -22.55 21.51
C TYR E 50 -14.58 -22.15 20.53
N ASN E 51 -15.57 -21.43 21.06
CA ASN E 51 -16.69 -21.00 20.24
C ASN E 51 -16.28 -20.02 19.16
N LYS E 52 -15.26 -19.21 19.42
CA LYS E 52 -14.80 -18.28 18.40
C LYS E 52 -14.25 -19.07 17.22
N LYS E 53 -13.51 -20.13 17.54
CA LYS E 53 -12.93 -20.97 16.51
C LYS E 53 -14.01 -21.65 15.68
N ARG E 54 -14.91 -22.38 16.34
CA ARG E 54 -15.94 -23.09 15.59
C ARG E 54 -16.73 -22.13 14.69
N LEU E 55 -16.81 -20.87 15.09
CA LEU E 55 -17.50 -19.89 14.26
C LEU E 55 -16.60 -19.47 13.11
N ARG E 56 -15.30 -19.45 13.35
CA ARG E 56 -14.38 -19.12 12.28
C ARG E 56 -14.37 -20.25 11.29
N GLU E 57 -14.39 -21.47 11.82
CA GLU E 57 -14.40 -22.67 11.00
C GLU E 57 -15.71 -22.77 10.26
N ILE E 58 -16.79 -22.47 10.98
CA ILE E 58 -18.13 -22.53 10.41
C ILE E 58 -18.29 -21.58 9.21
N ASP E 59 -18.01 -20.30 9.40
CA ASP E 59 -18.16 -19.36 8.30
C ASP E 59 -17.19 -19.71 7.16
N ARG E 60 -16.14 -20.46 7.49
CA ARG E 60 -15.16 -20.86 6.49
C ARG E 60 -15.79 -21.84 5.52
N ARG E 61 -16.34 -22.91 6.04
CA ARG E 61 -16.98 -23.88 5.17
C ARG E 61 -18.16 -23.21 4.44
N VAL E 62 -18.80 -22.26 5.10
CA VAL E 62 -19.93 -21.57 4.48
C VAL E 62 -19.45 -20.95 3.18
N ARG E 63 -18.25 -20.42 3.22
CA ARG E 63 -17.61 -19.80 2.08
C ARG E 63 -17.32 -20.85 0.99
N TYR E 64 -16.63 -21.91 1.36
CA TYR E 64 -16.27 -22.98 0.43
C TYR E 64 -17.50 -23.60 -0.22
N LEU E 65 -18.43 -24.05 0.62
CA LEU E 65 -19.64 -24.66 0.11
C LEU E 65 -20.30 -23.78 -0.94
N THR E 66 -20.57 -22.54 -0.58
CA THR E 66 -21.23 -21.61 -1.49
C THR E 66 -20.59 -21.62 -2.88
N LYS E 67 -19.26 -21.54 -2.98
CA LYS E 67 -18.61 -21.52 -4.29
C LYS E 67 -18.67 -22.87 -4.98
N CYS E 68 -18.51 -23.97 -4.23
CA CYS E 68 -18.55 -25.28 -4.86
C CYS E 68 -19.94 -25.57 -5.39
N MET E 69 -20.96 -24.96 -4.83
CA MET E 69 -22.32 -25.15 -5.30
C MET E 69 -22.43 -24.70 -6.77
N GLU E 70 -21.85 -23.55 -7.06
CA GLU E 70 -21.88 -22.97 -8.39
C GLU E 70 -20.96 -23.64 -9.39
N ASN E 71 -19.80 -24.09 -8.94
CA ASN E 71 -18.84 -24.67 -9.86
C ASN E 71 -18.92 -26.18 -9.98
N LEU E 72 -19.59 -26.83 -9.04
CA LEU E 72 -19.69 -28.29 -9.14
C LEU E 72 -20.47 -28.63 -10.41
N LYS E 73 -19.89 -29.55 -11.24
CA LYS E 73 -20.52 -29.99 -12.50
C LYS E 73 -21.22 -31.32 -12.27
N ILE E 74 -22.48 -31.41 -12.70
CA ILE E 74 -23.28 -32.62 -12.50
C ILE E 74 -23.09 -33.61 -13.64
N VAL E 75 -23.14 -34.92 -13.33
CA VAL E 75 -22.99 -35.97 -14.33
C VAL E 75 -24.20 -36.88 -14.33
N ASP E 76 -25.27 -36.42 -14.94
CA ASP E 76 -26.49 -37.21 -14.99
C ASP E 76 -26.37 -38.29 -16.04
N TYR E 77 -25.78 -39.43 -15.71
CA TYR E 77 -25.71 -40.46 -16.72
C TYR E 77 -26.19 -41.82 -16.24
N SER E 78 -27.06 -42.39 -17.06
CA SER E 78 -27.71 -43.68 -16.87
C SER E 78 -27.02 -44.82 -17.68
N PRO E 79 -27.51 -46.08 -17.57
CA PRO E 79 -27.03 -47.31 -18.21
C PRO E 79 -26.71 -47.26 -19.74
N GLN E 80 -27.33 -46.41 -20.59
CA GLN E 80 -27.02 -46.49 -22.05
C GLN E 80 -25.53 -46.79 -22.37
N GLN E 81 -24.65 -45.81 -22.18
CA GLN E 81 -23.24 -46.08 -22.41
C GLN E 81 -22.67 -46.77 -21.17
N GLU E 82 -22.70 -48.10 -21.19
CA GLU E 82 -22.22 -48.93 -20.07
C GLU E 82 -21.07 -49.84 -20.52
N GLY E 83 -20.63 -50.73 -19.61
CA GLY E 83 -19.55 -51.65 -19.89
C GLY E 83 -18.24 -51.11 -19.38
N LYS E 84 -17.93 -49.88 -19.80
CA LYS E 84 -16.70 -49.20 -19.38
C LYS E 84 -16.95 -48.44 -18.08
N VAL E 85 -15.93 -48.48 -17.22
CA VAL E 85 -15.92 -47.99 -15.82
C VAL E 85 -16.13 -46.47 -15.49
N PHE E 86 -15.54 -45.53 -16.22
CA PHE E 86 -15.55 -44.08 -15.93
C PHE E 86 -16.31 -43.47 -14.70
N PHE E 87 -17.62 -43.19 -14.73
CA PHE E 87 -18.25 -42.46 -13.56
C PHE E 87 -19.52 -43.09 -12.93
N GLY E 88 -19.73 -42.78 -11.65
CA GLY E 88 -20.87 -43.28 -10.89
C GLY E 88 -21.04 -44.78 -11.09
N ALA E 89 -19.90 -45.44 -11.23
CA ALA E 89 -19.89 -46.86 -11.49
C ALA E 89 -19.45 -47.69 -10.30
N TRP E 90 -20.34 -48.55 -9.81
CA TRP E 90 -19.97 -49.43 -8.72
C TRP E 90 -19.10 -50.53 -9.26
N VAL E 91 -17.87 -50.58 -8.77
CA VAL E 91 -16.91 -51.55 -9.23
C VAL E 91 -16.53 -52.53 -8.13
N GLU E 92 -16.27 -53.75 -8.53
CA GLU E 92 -15.84 -54.80 -7.63
C GLU E 92 -14.47 -55.25 -8.10
N ILE E 93 -13.52 -55.48 -7.19
CA ILE E 93 -12.19 -55.90 -7.61
C ILE E 93 -11.60 -57.03 -6.76
N GLU E 94 -10.65 -57.77 -7.32
CA GLU E 94 -10.08 -58.93 -6.61
C GLU E 94 -8.59 -58.85 -6.34
N ASN E 95 -8.22 -59.61 -5.31
CA ASN E 95 -6.86 -59.80 -4.83
C ASN E 95 -6.58 -61.32 -4.82
N ASP E 96 -5.33 -61.71 -5.01
CA ASP E 96 -4.99 -63.13 -5.06
C ASP E 96 -5.31 -63.87 -3.76
N ASP E 97 -4.92 -63.32 -2.62
CA ASP E 97 -5.20 -63.99 -1.36
C ASP E 97 -6.67 -63.87 -0.97
N GLY E 98 -7.43 -63.14 -1.78
CA GLY E 98 -8.86 -63.01 -1.54
C GLY E 98 -9.34 -61.67 -0.98
N VAL E 99 -8.86 -60.56 -1.50
CA VAL E 99 -9.37 -59.30 -1.01
C VAL E 99 -10.40 -58.77 -1.99
N THR E 100 -11.61 -58.63 -1.47
CA THR E 100 -12.75 -58.13 -2.23
C THR E 100 -13.33 -56.88 -1.58
N HIS E 101 -13.36 -55.79 -2.32
CA HIS E 101 -13.93 -54.58 -1.77
C HIS E 101 -14.56 -53.73 -2.85
N ARG E 102 -15.79 -53.33 -2.58
CA ARG E 102 -16.59 -52.52 -3.50
C ARG E 102 -16.29 -51.03 -3.41
N PHE E 103 -16.85 -50.25 -4.35
CA PHE E 103 -16.74 -48.78 -4.36
C PHE E 103 -17.27 -48.17 -5.63
N ARG E 104 -17.94 -47.03 -5.50
CA ARG E 104 -18.44 -46.32 -6.67
C ARG E 104 -17.71 -44.99 -6.76
N ILE E 105 -17.37 -44.57 -7.97
CA ILE E 105 -16.58 -43.35 -8.14
C ILE E 105 -17.42 -42.08 -8.20
N VAL E 106 -17.16 -41.16 -7.26
CA VAL E 106 -17.82 -39.85 -7.15
C VAL E 106 -16.80 -38.80 -6.65
N GLY E 107 -17.13 -37.52 -6.80
CA GLY E 107 -16.20 -36.44 -6.42
C GLY E 107 -15.90 -36.28 -4.93
N TYR E 108 -14.73 -35.70 -4.66
CA TYR E 108 -14.25 -35.46 -3.30
C TYR E 108 -15.09 -34.46 -2.56
N ASP E 109 -15.52 -33.41 -3.24
CA ASP E 109 -16.32 -32.42 -2.55
C ASP E 109 -17.30 -33.05 -1.60
N GLU E 110 -18.22 -33.85 -2.10
CA GLU E 110 -19.11 -34.50 -1.17
C GLU E 110 -19.21 -35.97 -1.33
N ILE E 111 -18.34 -36.58 -0.56
CA ILE E 111 -18.20 -38.01 -0.42
C ILE E 111 -18.05 -38.30 1.04
N PHE E 112 -18.76 -39.31 1.48
CA PHE E 112 -18.75 -39.75 2.87
C PHE E 112 -19.00 -41.23 2.81
N GLY E 113 -18.87 -41.95 3.90
CA GLY E 113 -19.13 -43.36 3.79
C GLY E 113 -20.60 -43.68 3.46
N ARG E 114 -21.38 -42.67 3.10
CA ARG E 114 -22.79 -42.87 2.83
C ARG E 114 -23.13 -43.36 1.42
N LYS E 115 -22.87 -42.57 0.38
CA LYS E 115 -23.24 -42.99 -0.96
C LYS E 115 -22.18 -43.80 -1.65
N ASP E 116 -21.00 -43.22 -1.75
CA ASP E 116 -19.85 -43.88 -2.41
C ASP E 116 -18.59 -43.30 -1.83
N TYR E 117 -17.63 -44.11 -1.37
CA TYR E 117 -16.50 -43.42 -0.77
C TYR E 117 -15.18 -43.43 -1.53
N ILE E 118 -15.25 -43.20 -2.84
CA ILE E 118 -14.05 -43.07 -3.66
C ILE E 118 -14.11 -41.82 -4.51
N SER E 119 -13.07 -41.01 -4.45
CA SER E 119 -13.02 -39.79 -5.25
C SER E 119 -12.33 -40.07 -6.57
N ILE E 120 -12.73 -39.37 -7.62
CA ILE E 120 -12.14 -39.58 -8.95
C ILE E 120 -10.67 -39.19 -9.02
N ASP E 121 -10.30 -38.11 -8.36
CA ASP E 121 -8.89 -37.71 -8.38
C ASP E 121 -8.06 -38.64 -7.50
N SER E 122 -8.46 -39.91 -7.44
CA SER E 122 -7.77 -40.88 -6.61
C SER E 122 -7.09 -41.95 -7.42
N PRO E 123 -5.94 -42.44 -6.94
CA PRO E 123 -5.18 -43.48 -7.62
C PRO E 123 -6.06 -44.60 -8.13
N MET E 124 -6.77 -45.31 -7.26
CA MET E 124 -7.61 -46.40 -7.72
C MET E 124 -8.59 -45.94 -8.79
N ALA E 125 -9.14 -44.75 -8.61
CA ALA E 125 -10.07 -44.21 -9.59
C ALA E 125 -9.36 -43.97 -10.90
N ARG E 126 -8.07 -43.67 -10.82
CA ARG E 126 -7.26 -43.43 -12.02
C ARG E 126 -6.99 -44.73 -12.79
N ALA E 127 -6.40 -45.71 -12.11
CA ALA E 127 -6.10 -46.99 -12.75
C ALA E 127 -7.37 -47.63 -13.29
N LEU E 128 -8.35 -47.78 -12.42
CA LEU E 128 -9.62 -48.42 -12.76
C LEU E 128 -10.50 -47.57 -13.66
N LEU E 129 -10.11 -46.30 -13.85
CA LEU E 129 -10.87 -45.34 -14.66
C LEU E 129 -11.58 -45.99 -15.84
N LYS E 130 -10.85 -46.31 -16.90
CA LYS E 130 -11.48 -46.89 -18.09
C LYS E 130 -10.91 -48.26 -18.43
N LYS E 131 -11.44 -49.30 -17.80
CA LYS E 131 -10.96 -50.63 -18.10
C LYS E 131 -12.10 -51.64 -18.17
N GLU E 132 -12.01 -52.51 -19.17
CA GLU E 132 -13.01 -53.52 -19.45
C GLU E 132 -13.35 -54.39 -18.23
N VAL E 133 -14.41 -55.18 -18.42
CA VAL E 133 -14.97 -56.10 -17.43
C VAL E 133 -13.96 -57.07 -16.81
N GLY E 134 -12.73 -57.12 -17.32
CA GLY E 134 -11.78 -58.05 -16.73
C GLY E 134 -10.33 -57.70 -16.97
N ASP E 135 -9.93 -56.46 -16.71
CA ASP E 135 -8.54 -56.09 -16.92
C ASP E 135 -7.69 -56.19 -15.65
N LEU E 136 -6.39 -56.13 -15.83
CA LEU E 136 -5.43 -56.22 -14.73
C LEU E 136 -4.89 -54.82 -14.42
N ALA E 137 -5.48 -54.17 -13.40
CA ALA E 137 -5.13 -52.79 -13.03
C ALA E 137 -4.02 -52.71 -11.98
N VAL E 138 -3.19 -51.67 -12.12
CA VAL E 138 -2.04 -51.42 -11.24
C VAL E 138 -2.16 -50.11 -10.46
N VAL E 139 -1.57 -50.09 -9.28
CA VAL E 139 -1.59 -48.90 -8.45
C VAL E 139 -0.28 -48.80 -7.67
N ASN E 140 0.30 -47.60 -7.66
CA ASN E 140 1.55 -47.34 -6.97
C ASN E 140 1.43 -46.16 -6.02
N THR E 141 2.23 -46.23 -4.95
CA THR E 141 2.28 -45.26 -3.87
C THR E 141 3.56 -45.50 -3.09
N PRO E 142 3.99 -44.56 -2.19
CA PRO E 142 5.21 -44.73 -1.39
C PRO E 142 5.61 -46.18 -1.20
N ALA E 143 5.04 -46.86 -0.21
CA ALA E 143 5.34 -48.27 0.02
C ALA E 143 4.35 -49.11 -0.74
N GLY E 144 3.38 -48.44 -1.33
CA GLY E 144 2.32 -49.14 -2.03
C GLY E 144 2.56 -49.56 -3.47
N GLU E 145 2.76 -50.86 -3.62
CA GLU E 145 2.86 -51.49 -4.94
C GLU E 145 1.61 -52.38 -5.01
N ALA E 146 0.79 -52.29 -6.07
CA ALA E 146 -0.42 -53.10 -6.02
C ALA E 146 -1.01 -53.50 -7.37
N SER E 147 -1.54 -54.73 -7.38
CA SER E 147 -2.17 -55.34 -8.55
C SER E 147 -3.63 -55.72 -8.25
N TRP E 148 -4.56 -55.33 -9.13
CA TRP E 148 -5.96 -55.65 -8.92
C TRP E 148 -6.66 -56.06 -10.19
N TYR E 149 -7.69 -56.89 -10.03
CA TYR E 149 -8.46 -57.39 -11.15
C TYR E 149 -9.89 -56.84 -11.14
N VAL E 150 -10.28 -56.22 -12.26
CA VAL E 150 -11.62 -55.66 -12.44
C VAL E 150 -12.63 -56.78 -12.52
N ASN E 151 -13.63 -56.77 -11.65
CA ASN E 151 -14.61 -57.85 -11.71
C ASN E 151 -15.88 -57.44 -12.46
N ALA E 152 -16.79 -56.70 -11.81
CA ALA E 152 -18.04 -56.32 -12.46
C ALA E 152 -18.40 -54.83 -12.29
N ILE E 153 -18.98 -54.28 -13.35
CA ILE E 153 -19.40 -52.88 -13.41
C ILE E 153 -20.92 -52.75 -13.35
N GLU E 154 -21.43 -52.12 -12.31
CA GLU E 154 -22.87 -51.93 -12.20
C GLU E 154 -23.23 -50.45 -12.06
N TYR E 155 -23.98 -49.94 -13.03
CA TYR E 155 -24.44 -48.54 -13.04
C TYR E 155 -25.94 -48.49 -12.72
N VAL E 156 -26.32 -47.98 -11.56
CA VAL E 156 -27.74 -47.92 -11.25
C VAL E 156 -28.05 -46.75 -10.34
N MET F 1 23.95 -48.83 33.06
CA MET F 1 22.55 -48.32 33.14
C MET F 1 21.60 -49.17 32.29
N LYS F 2 22.16 -50.14 31.57
CA LYS F 2 21.38 -51.05 30.74
C LYS F 2 21.60 -52.48 31.22
N THR F 3 20.57 -53.13 31.75
CA THR F 3 20.77 -54.49 32.28
C THR F 3 20.00 -55.56 31.52
N PRO F 4 20.72 -56.59 31.06
CA PRO F 4 20.31 -57.79 30.30
C PRO F 4 19.40 -58.78 31.05
N LEU F 5 19.52 -58.94 32.35
CA LEU F 5 18.68 -59.93 33.04
C LEU F 5 17.20 -59.67 32.80
N VAL F 6 16.45 -60.75 32.55
CA VAL F 6 15.02 -60.72 32.25
C VAL F 6 14.35 -62.02 32.68
N THR F 7 13.13 -61.96 33.14
CA THR F 7 12.45 -63.18 33.56
C THR F 7 12.18 -64.15 32.41
N ARG F 8 12.02 -65.43 32.75
CA ARG F 8 11.70 -66.44 31.74
C ARG F 8 10.35 -66.15 31.11
N GLU F 9 9.41 -65.83 31.98
CA GLU F 9 8.07 -65.52 31.55
C GLU F 9 8.11 -64.36 30.57
N GLY F 10 8.71 -63.26 30.99
CA GLY F 10 8.81 -62.07 30.15
C GLY F 10 9.46 -62.33 28.81
N TYR F 11 10.31 -63.34 28.77
CA TYR F 11 10.96 -63.67 27.52
C TYR F 11 9.93 -64.18 26.52
N GLU F 12 9.12 -65.14 26.95
CA GLU F 12 8.09 -65.74 26.12
C GLU F 12 7.27 -64.68 25.41
N LYS F 13 6.96 -63.62 26.15
CA LYS F 13 6.17 -62.52 25.61
C LYS F 13 6.87 -61.83 24.47
N LEU F 14 8.08 -61.34 24.75
CA LEU F 14 8.86 -60.64 23.74
C LEU F 14 8.92 -61.45 22.46
N LYS F 15 9.04 -62.76 22.59
CA LYS F 15 9.06 -63.61 21.42
C LYS F 15 7.69 -63.56 20.78
N GLN F 16 6.66 -63.71 21.62
CA GLN F 16 5.27 -63.69 21.19
C GLN F 16 4.94 -62.40 20.41
N GLU F 17 5.41 -61.25 20.89
CA GLU F 17 5.14 -60.01 20.21
C GLU F 17 5.73 -60.02 18.81
N LEU F 18 7.03 -60.20 18.71
CA LEU F 18 7.68 -60.20 17.41
C LEU F 18 6.94 -61.15 16.48
N ASN F 19 6.33 -62.17 17.06
CA ASN F 19 5.57 -63.13 16.29
C ASN F 19 4.27 -62.50 15.83
N TYR F 20 3.52 -61.96 16.76
CA TYR F 20 2.28 -61.32 16.42
C TYR F 20 2.50 -60.11 15.50
N LEU F 21 3.65 -59.45 15.65
CA LEU F 21 3.90 -58.26 14.86
C LEU F 21 4.26 -58.51 13.40
N TRP F 22 5.12 -59.49 13.16
CA TRP F 22 5.61 -59.82 11.84
C TRP F 22 4.70 -60.79 11.09
N ARG F 23 3.96 -61.62 11.83
CA ARG F 23 3.09 -62.58 11.16
C ARG F 23 1.61 -62.18 11.19
N GLU F 24 1.20 -61.38 12.16
CA GLU F 24 -0.21 -61.05 12.26
C GLU F 24 -0.59 -59.59 12.03
N GLU F 25 0.13 -58.60 12.58
CA GLU F 25 -0.31 -57.22 12.36
C GLU F 25 0.35 -56.52 11.19
N ARG F 26 1.59 -56.86 10.85
CA ARG F 26 2.18 -56.23 9.66
C ARG F 26 1.25 -56.46 8.47
N PRO F 27 0.69 -57.68 8.36
CA PRO F 27 -0.21 -57.93 7.24
C PRO F 27 -1.40 -56.96 7.26
N GLU F 28 -1.98 -56.80 8.45
CA GLU F 28 -3.13 -55.91 8.60
C GLU F 28 -2.77 -54.49 8.18
N VAL F 29 -1.74 -53.92 8.78
CA VAL F 29 -1.40 -52.54 8.50
C VAL F 29 -1.01 -52.29 7.02
N THR F 30 -0.10 -53.07 6.48
CA THR F 30 0.29 -52.84 5.09
C THR F 30 -0.93 -52.86 4.20
N LYS F 31 -1.87 -53.74 4.51
CA LYS F 31 -3.08 -53.88 3.70
C LYS F 31 -3.90 -52.59 3.67
N LYS F 32 -4.01 -51.88 4.80
CA LYS F 32 -4.82 -50.67 4.77
C LYS F 32 -4.12 -49.55 3.98
N VAL F 33 -2.84 -49.30 4.28
CA VAL F 33 -2.07 -48.28 3.58
C VAL F 33 -2.20 -48.46 2.07
N THR F 34 -2.41 -49.70 1.68
CA THR F 34 -2.58 -50.00 0.28
C THR F 34 -3.82 -49.30 -0.25
N TRP F 35 -4.98 -49.69 0.29
CA TRP F 35 -6.22 -49.11 -0.18
C TRP F 35 -6.22 -47.59 -0.03
N ALA F 36 -5.60 -47.10 1.04
CA ALA F 36 -5.55 -45.67 1.30
C ALA F 36 -5.05 -44.92 0.08
N ALA F 37 -4.00 -45.45 -0.52
CA ALA F 37 -3.44 -44.80 -1.68
C ALA F 37 -4.40 -44.92 -2.86
N SER F 38 -4.91 -46.13 -3.09
CA SER F 38 -5.84 -46.33 -4.17
C SER F 38 -7.03 -45.39 -4.03
N LEU F 39 -7.45 -45.18 -2.79
CA LEU F 39 -8.62 -44.35 -2.50
C LEU F 39 -8.45 -42.85 -2.75
N GLY F 40 -7.27 -42.26 -2.60
CA GLY F 40 -7.21 -40.83 -2.86
C GLY F 40 -5.99 -40.09 -2.34
N ASP F 41 -6.19 -38.76 -2.20
CA ASP F 41 -5.18 -37.80 -1.78
C ASP F 41 -4.50 -38.11 -0.43
N ARG F 42 -3.20 -37.87 -0.45
CA ARG F 42 -2.25 -38.13 0.62
C ARG F 42 -2.50 -37.36 1.92
N SER F 43 -2.56 -36.04 1.87
CA SER F 43 -2.69 -35.27 3.11
C SER F 43 -4.08 -35.30 3.75
N GLU F 44 -5.12 -34.99 2.99
CA GLU F 44 -6.49 -34.95 3.53
C GLU F 44 -6.89 -36.30 4.14
N ASN F 45 -6.33 -37.40 3.62
CA ASN F 45 -6.67 -38.72 4.14
C ASN F 45 -5.93 -39.02 5.44
N ALA F 46 -6.70 -39.14 6.53
CA ALA F 46 -6.15 -39.41 7.86
C ALA F 46 -5.82 -40.87 8.10
N ASP F 47 -6.49 -41.77 7.39
CA ASP F 47 -6.22 -43.19 7.58
C ASP F 47 -4.97 -43.63 6.84
N TYR F 48 -4.63 -42.98 5.73
CA TYR F 48 -3.42 -43.31 5.00
C TYR F 48 -2.22 -42.93 5.87
N GLN F 49 -2.35 -41.79 6.51
CA GLN F 49 -1.30 -41.28 7.37
C GLN F 49 -1.23 -42.01 8.70
N TYR F 50 -2.38 -42.24 9.34
CA TYR F 50 -2.37 -42.93 10.61
C TYR F 50 -1.74 -44.30 10.47
N ASN F 51 -2.18 -45.02 9.45
CA ASN F 51 -1.66 -46.36 9.25
C ASN F 51 -0.20 -46.35 8.84
N LYS F 52 0.27 -45.29 8.19
CA LYS F 52 1.67 -45.26 7.84
C LYS F 52 2.49 -45.21 9.12
N LYS F 53 2.02 -44.40 10.07
CA LYS F 53 2.71 -44.25 11.36
C LYS F 53 2.74 -45.57 12.11
N ARG F 54 1.58 -46.15 12.35
CA ARG F 54 1.58 -47.37 13.10
C ARG F 54 2.49 -48.41 12.48
N LEU F 55 2.68 -48.32 11.17
CA LEU F 55 3.57 -49.26 10.52
C LEU F 55 5.02 -48.83 10.76
N ARG F 56 5.25 -47.54 10.83
CA ARG F 56 6.60 -47.07 11.13
C ARG F 56 6.93 -47.46 12.57
N GLU F 57 5.95 -47.28 13.45
CA GLU F 57 6.10 -47.62 14.86
C GLU F 57 6.24 -49.13 15.02
N ILE F 58 5.43 -49.87 14.27
CA ILE F 58 5.45 -51.30 14.35
C ILE F 58 6.80 -51.88 13.96
N ASP F 59 7.31 -51.51 12.79
CA ASP F 59 8.61 -52.05 12.37
C ASP F 59 9.72 -51.58 13.30
N ARG F 60 9.46 -50.49 14.00
CA ARG F 60 10.43 -49.95 14.94
C ARG F 60 10.62 -50.91 16.10
N ARG F 61 9.53 -51.24 16.77
CA ARG F 61 9.63 -52.16 17.87
C ARG F 61 10.12 -53.51 17.35
N VAL F 62 9.78 -53.83 16.11
CA VAL F 62 10.23 -55.10 15.58
C VAL F 62 11.76 -55.13 15.62
N ARG F 63 12.35 -53.98 15.33
CA ARG F 63 13.78 -53.83 15.34
C ARG F 63 14.32 -53.99 16.76
N TYR F 64 13.78 -53.20 17.70
CA TYR F 64 14.20 -53.22 19.09
C TYR F 64 14.08 -54.60 19.70
N LEU F 65 12.89 -55.18 19.59
CA LEU F 65 12.65 -56.49 20.16
C LEU F 65 13.69 -57.49 19.70
N THR F 66 13.88 -57.56 18.37
CA THR F 66 14.82 -58.49 17.79
C THR F 66 16.20 -58.43 18.48
N LYS F 67 16.73 -57.22 18.69
CA LYS F 67 18.04 -57.12 19.32
C LYS F 67 17.99 -57.44 20.82
N CYS F 68 16.95 -57.02 21.51
CA CYS F 68 16.87 -57.30 22.94
C CYS F 68 16.74 -58.78 23.18
N MET F 69 16.22 -59.52 22.21
CA MET F 69 16.09 -60.97 22.36
C MET F 69 17.46 -61.61 22.52
N GLU F 70 18.41 -61.15 21.71
CA GLU F 70 19.77 -61.68 21.71
C GLU F 70 20.63 -61.17 22.89
N ASN F 71 20.43 -59.93 23.31
CA ASN F 71 21.27 -59.38 24.38
C ASN F 71 20.68 -59.55 25.78
N LEU F 72 19.40 -59.86 25.88
CA LEU F 72 18.76 -60.05 27.19
C LEU F 72 19.27 -61.37 27.80
N LYS F 73 19.14 -61.61 29.11
CA LYS F 73 19.56 -62.87 29.77
C LYS F 73 18.46 -63.32 30.71
N ILE F 74 18.12 -64.61 30.71
CA ILE F 74 17.04 -65.10 31.58
C ILE F 74 17.54 -65.52 32.95
N VAL F 75 16.72 -65.33 33.99
CA VAL F 75 17.08 -65.70 35.36
C VAL F 75 16.08 -66.70 35.94
N ASP F 76 16.21 -67.95 35.54
CA ASP F 76 15.31 -68.97 36.01
C ASP F 76 15.66 -69.35 37.43
N TYR F 77 15.20 -68.61 38.43
CA TYR F 77 15.52 -69.08 39.74
C TYR F 77 14.35 -69.19 40.68
N SER F 78 14.30 -70.34 41.35
CA SER F 78 13.26 -70.71 42.31
C SER F 78 13.71 -70.49 43.78
N PRO F 79 12.84 -70.80 44.76
CA PRO F 79 13.03 -70.68 46.23
C PRO F 79 14.36 -71.24 46.85
N GLN F 80 15.07 -72.24 46.30
CA GLN F 80 16.26 -72.76 47.01
C GLN F 80 17.10 -71.66 47.69
N GLN F 81 17.80 -70.86 46.94
CA GLN F 81 18.55 -69.78 47.57
C GLN F 81 17.64 -68.59 47.82
N GLU F 82 17.04 -68.57 49.00
CA GLU F 82 16.10 -67.55 49.39
C GLU F 82 16.58 -66.78 50.62
N GLY F 83 15.74 -65.90 51.14
CA GLY F 83 16.08 -65.08 52.31
C GLY F 83 16.59 -63.72 51.89
N LYS F 84 17.59 -63.73 51.02
CA LYS F 84 18.17 -62.50 50.49
C LYS F 84 17.39 -62.05 49.23
N VAL F 85 17.20 -60.74 49.14
CA VAL F 85 16.40 -60.02 48.13
C VAL F 85 16.74 -60.08 46.61
N PHE F 86 17.99 -60.04 46.19
CA PHE F 86 18.40 -59.93 44.75
C PHE F 86 17.36 -59.96 43.58
N PHE F 87 16.84 -61.09 43.09
CA PHE F 87 15.98 -60.99 41.87
C PHE F 87 14.63 -61.68 41.93
N GLY F 88 13.72 -61.22 41.07
CA GLY F 88 12.38 -61.77 40.99
C GLY F 88 11.77 -61.91 42.37
N ALA F 89 12.15 -61.00 43.24
CA ALA F 89 11.72 -61.07 44.62
C ALA F 89 10.69 -60.04 45.00
N TRP F 90 9.52 -60.50 45.40
CA TRP F 90 8.50 -59.57 45.83
C TRP F 90 8.86 -59.08 47.20
N VAL F 91 9.04 -57.78 47.30
CA VAL F 91 9.43 -57.19 48.54
C VAL F 91 8.37 -56.24 49.08
N GLU F 92 8.26 -56.17 50.40
CA GLU F 92 7.33 -55.26 51.06
C GLU F 92 8.16 -54.33 51.92
N ILE F 93 7.85 -53.04 51.96
CA ILE F 93 8.65 -52.13 52.77
C ILE F 93 7.80 -51.15 53.57
N GLU F 94 8.37 -50.60 54.64
CA GLU F 94 7.62 -49.70 55.53
C GLU F 94 8.18 -48.28 55.65
N ASN F 95 7.27 -47.39 56.01
CA ASN F 95 7.51 -45.96 56.24
C ASN F 95 6.97 -45.66 57.65
N ASP F 96 7.54 -44.68 58.33
CA ASP F 96 7.13 -44.36 59.69
C ASP F 96 5.68 -43.91 59.78
N ASP F 97 5.25 -43.00 58.92
CA ASP F 97 3.87 -42.51 58.96
C ASP F 97 2.89 -43.58 58.42
N GLY F 98 3.46 -44.70 57.94
CA GLY F 98 2.64 -45.80 57.45
C GLY F 98 2.57 -45.98 55.95
N VAL F 99 3.69 -45.87 55.24
CA VAL F 99 3.61 -46.07 53.81
C VAL F 99 4.04 -47.49 53.49
N THR F 100 3.11 -48.24 52.93
CA THR F 100 3.35 -49.63 52.57
C THR F 100 3.14 -49.83 51.07
N HIS F 101 4.16 -50.30 50.37
CA HIS F 101 4.00 -50.54 48.95
C HIS F 101 4.86 -51.69 48.48
N ARG F 102 4.23 -52.61 47.76
CA ARG F 102 4.86 -53.81 47.24
C ARG F 102 5.59 -53.56 45.92
N PHE F 103 6.37 -54.56 45.48
CA PHE F 103 7.07 -54.56 44.20
C PHE F 103 8.04 -55.71 44.05
N ARG F 104 8.11 -56.26 42.83
CA ARG F 104 9.02 -57.34 42.50
C ARG F 104 10.07 -56.82 41.51
N ILE F 105 11.33 -57.19 41.69
CA ILE F 105 12.34 -56.65 40.82
C ILE F 105 12.55 -57.45 39.55
N VAL F 106 12.37 -56.78 38.41
CA VAL F 106 12.55 -57.35 37.07
C VAL F 106 13.14 -56.27 36.13
N GLY F 107 13.63 -56.67 34.95
CA GLY F 107 14.28 -55.74 34.02
C GLY F 107 13.40 -54.70 33.35
N TYR F 108 14.04 -53.59 32.96
CA TYR F 108 13.33 -52.47 32.31
C TYR F 108 12.81 -52.85 30.97
N ASP F 109 13.58 -53.63 30.22
CA ASP F 109 13.14 -53.99 28.89
C ASP F 109 11.66 -54.26 28.88
N GLU F 110 11.22 -55.26 29.62
CA GLU F 110 9.79 -55.47 29.64
C GLU F 110 9.20 -55.60 31.02
N ILE F 111 8.78 -54.42 31.45
CA ILE F 111 8.13 -54.17 32.71
C ILE F 111 6.99 -53.26 32.41
N PHE F 112 5.83 -53.60 32.94
CA PHE F 112 4.63 -52.79 32.82
C PHE F 112 3.90 -52.98 34.12
N GLY F 113 2.82 -52.26 34.37
CA GLY F 113 2.15 -52.47 35.64
C GLY F 113 1.54 -53.87 35.77
N ARG F 114 1.86 -54.78 34.85
CA ARG F 114 1.28 -56.13 34.87
C ARG F 114 1.96 -57.13 35.81
N LYS F 115 3.21 -57.50 35.52
CA LYS F 115 3.86 -58.51 36.36
C LYS F 115 4.53 -57.92 37.58
N ASP F 116 5.44 -57.01 37.34
CA ASP F 116 6.21 -56.38 38.38
C ASP F 116 6.65 -55.00 37.89
N TYR F 117 6.45 -53.92 38.64
CA TYR F 117 6.85 -52.67 38.02
C TYR F 117 8.08 -51.97 38.58
N ILE F 118 9.13 -52.74 38.88
CA ILE F 118 10.39 -52.14 39.32
C ILE F 118 11.55 -52.72 38.55
N SER F 119 12.37 -51.84 38.00
CA SER F 119 13.53 -52.28 37.22
C SER F 119 14.74 -52.40 38.14
N ILE F 120 15.64 -53.34 37.83
CA ILE F 120 16.81 -53.51 38.68
C ILE F 120 17.78 -52.32 38.62
N ASP F 121 17.95 -51.69 37.46
CA ASP F 121 18.85 -50.54 37.40
C ASP F 121 18.19 -49.34 38.07
N SER F 122 17.37 -49.59 39.09
CA SER F 122 16.67 -48.50 39.77
C SER F 122 17.14 -48.32 41.21
N PRO F 123 17.14 -47.07 41.69
CA PRO F 123 17.56 -46.72 43.05
C PRO F 123 17.02 -47.70 44.08
N MET F 124 15.69 -47.80 44.22
CA MET F 124 15.12 -48.71 45.20
C MET F 124 15.65 -50.13 45.02
N ALA F 125 15.81 -50.56 43.78
CA ALA F 125 16.32 -51.89 43.51
C ALA F 125 17.75 -51.99 43.95
N ARG F 126 18.44 -50.87 43.91
CA ARG F 126 19.83 -50.83 44.31
C ARG F 126 19.96 -50.98 45.82
N ALA F 127 19.35 -50.07 46.55
CA ALA F 127 19.41 -50.11 47.99
C ALA F 127 18.92 -51.44 48.53
N LEU F 128 17.70 -51.78 48.14
CA LEU F 128 17.05 -53.00 48.57
C LEU F 128 17.70 -54.26 48.00
N LEU F 129 18.59 -54.08 47.03
CA LEU F 129 19.23 -55.20 46.35
C LEU F 129 19.48 -56.41 47.23
N LYS F 130 20.50 -56.34 48.08
CA LYS F 130 20.79 -57.49 48.93
C LYS F 130 20.73 -57.16 50.41
N LYS F 131 19.55 -57.21 51.00
CA LYS F 131 19.41 -56.90 52.41
C LYS F 131 18.48 -57.86 53.10
N GLU F 132 18.88 -58.28 54.29
CA GLU F 132 18.15 -59.24 55.09
C GLU F 132 16.69 -58.82 55.34
N VAL F 133 15.96 -59.77 55.90
CA VAL F 133 14.53 -59.68 56.21
C VAL F 133 14.15 -58.45 57.05
N GLY F 134 15.12 -57.70 57.57
CA GLY F 134 14.74 -56.54 58.36
C GLY F 134 15.78 -55.43 58.43
N ASP F 135 16.34 -55.02 57.31
CA ASP F 135 17.34 -53.99 57.33
C ASP F 135 16.75 -52.62 57.10
N LEU F 136 17.56 -51.60 57.37
CA LEU F 136 17.19 -50.20 57.21
C LEU F 136 17.84 -49.65 55.93
N ALA F 137 17.09 -49.65 54.83
CA ALA F 137 17.57 -49.18 53.51
C ALA F 137 17.35 -47.67 53.23
N VAL F 138 18.32 -47.10 52.52
CA VAL F 138 18.34 -45.68 52.20
C VAL F 138 18.26 -45.41 50.71
N VAL F 139 17.66 -44.29 50.34
CA VAL F 139 17.58 -43.93 48.94
C VAL F 139 17.70 -42.41 48.80
N ASN F 140 18.51 -41.98 47.84
CA ASN F 140 18.70 -40.54 47.61
C ASN F 140 18.43 -40.19 46.15
N THR F 141 18.02 -38.95 45.97
CA THR F 141 17.66 -38.37 44.66
C THR F 141 17.60 -36.86 44.83
N PRO F 142 17.56 -36.07 43.72
CA PRO F 142 17.49 -34.61 43.80
C PRO F 142 16.91 -34.11 45.12
N ALA F 143 15.58 -34.03 45.21
CA ALA F 143 14.94 -33.59 46.46
C ALA F 143 14.64 -34.80 47.31
N GLY F 144 14.91 -35.97 46.73
CA GLY F 144 14.61 -37.20 47.42
C GLY F 144 15.62 -37.75 48.41
N GLU F 145 15.27 -37.60 49.67
CA GLU F 145 16.02 -38.18 50.77
C GLU F 145 15.08 -39.24 51.35
N ALA F 146 15.52 -40.49 51.53
CA ALA F 146 14.53 -41.47 51.98
C ALA F 146 15.05 -42.67 52.75
N SER F 147 14.27 -43.06 53.77
CA SER F 147 14.57 -44.19 54.64
C SER F 147 13.45 -45.24 54.57
N TRP F 148 13.82 -46.52 54.37
CA TRP F 148 12.83 -47.60 54.29
C TRP F 148 13.25 -48.84 55.04
N TYR F 149 12.25 -49.59 55.50
CA TYR F 149 12.51 -50.81 56.24
C TYR F 149 12.05 -52.02 55.49
N VAL F 150 12.96 -52.97 55.28
CA VAL F 150 12.61 -54.20 54.57
C VAL F 150 11.72 -55.08 55.40
N ASN F 151 10.57 -55.47 54.86
CA ASN F 151 9.69 -56.27 55.65
C ASN F 151 9.79 -57.75 55.30
N ALA F 152 9.17 -58.18 54.21
CA ALA F 152 9.19 -59.61 53.88
C ALA F 152 9.53 -59.92 52.41
N ILE F 153 10.30 -61.00 52.21
CA ILE F 153 10.72 -61.42 50.90
C ILE F 153 10.02 -62.69 50.48
N GLU F 154 9.25 -62.62 49.40
CA GLU F 154 8.52 -63.79 48.88
C GLU F 154 8.89 -64.07 47.41
N TYR F 155 9.48 -65.25 47.19
CA TYR F 155 9.88 -65.70 45.84
C TYR F 155 8.93 -66.80 45.38
N VAL F 156 8.09 -66.53 44.39
CA VAL F 156 7.20 -67.59 43.92
C VAL F 156 6.94 -67.45 42.42
#